data_9F42
#
_entry.id   9F42
#
_cell.length_a   1.00
_cell.length_b   1.00
_cell.length_c   1.00
_cell.angle_alpha   90.00
_cell.angle_beta   90.00
_cell.angle_gamma   90.00
#
_symmetry.space_group_name_H-M   'P 1'
#
loop_
_entity.id
_entity.type
_entity.pdbx_description
1 polymer 'Regulatory-associated protein of mTOR'
2 polymer 'Lateral signaling target protein 2 homolog'
#
loop_
_entity_poly.entity_id
_entity_poly.type
_entity_poly.pdbx_seq_one_letter_code
_entity_poly.pdbx_strand_id
1 'polypeptide(L)'
;HHHHHHHHHHEQKLISEEDLDYKDDDDKMESEMLQSPLLGLGEEDEADLTDWNLPLAFMKKRHCEKIEGSKSLAQSWRMK
DRMKTVSVALVLCLNVGVDPPDVVKTTPCARLECWIDPLSMGPQKALETIGANLQKQYENWQPRARYKQSLDPTVDEVKK
LCTSLRRNAKEERVLFHYNGHGVPRPTVNGEVWVFNKNYTQYIPLSIYDLQTWMGSPSIFVYDCSNAGLIVKSFKQFALQ
REQELEVAAINPNHPLAQMPLPPSMKNCIQLAACEATELLPMIPDLPADLFTSCLTTPIKIALRWFCMQKCVSLVPGVTL
DLIEKIPGRLNDRRTPLGELNWIFTAITDTIAWNVLPRDLFQKLFRQDLLVASLFRNFLLAERIMRSYNCTPVSSPRLPP
TYMHAMWQAWDLAVDICLSQLPTIIEEGTAFRHSPFFAEQLTAFQVWLTMGVENRNPPEQLPIVLQVLLSQVHRLRALDL
LGRFLDLGPWAVSLALSVGIFPYVLKLLQSSARELRPLLVFIWAKILAVDSSCQADLVKDNGHKYFLSVLADPYMPAEHR
TMTAFILAVIVNSYHTGQEACLQGNLIAICLEQLNDPHPLLRQWVAICLGRIWQNFDSARWCGVRDSAHEKLYSLLSDPI
PEVRCAAVFALGTFVGNSAERTDHSTTIDHNVAMMLAQLVSDGSPMVRKELVVALSHLVVQYESNFCTVALQFIEEEKNY
ALPSPATTEGGSLTPVRDSPCTPRLRSVSSYGNIRAVATARSLNKSLQNLSLTEESGGAVAFSPGNLSTSSSASSTLGSP
ENEEHILSFETIDKMRRASSYSSLNSLIGVSFNSVYTQIWRVLLHLAADPYPEVSDVAMKVLNSIAYKATVNARPQRVLD
TSSLTQSAPASPTNKGVHIHQAGGSPPASSTSSSSLTNDVAKQPVSRDLPSGRPGTTGPAGAQYTPHSHQFPRTRKMFDK
GPEQTADDADDAAGHKSFISATVQTGFCDWSARYFAQPVMKIPEEHDLESQIRKEREWRFLRNSRVRRQAQQVIQKGITR
LDDQIFLNRNPGVPSVVKFHPFTPCIAVADKDSICFWDWEKGEKLDYFHNGNPRYTRVTAMEYLNGQDCSLLLTATDDGA
IRVWKNFADLEKNPEMVTAWQGLSDMLPTTRGAGMVVDWEQETGLLMSSGDVRIVRIWDTDREMKVQDIPTGADSCVTSL
SCDSHRSLIVAGLGDGSIRVYDRRMALSECRVMTYREHTAWVVKASLQKRPDGHIVSVSVNGDVRIFDPRMPESVNVLQI
VKGLTALDIHPQADLIACGSVNQFTAIYNSSGELINNIKYYDGFMGQRVGAISCLAFHPHWPHLAVGSNDYYISVYSVEK
RVR
;
E
2 'polypeptide(L)' DEEERVFFMDDVE G
#
# COMPACT_ATOMS: atom_id res chain seq x y z
N GLU A 46 11.85 35.41 -18.82
CA GLU A 46 11.22 34.52 -19.78
C GLU A 46 9.79 34.20 -19.37
N ALA A 47 9.12 33.35 -20.16
CA ALA A 47 7.74 32.96 -19.92
C ALA A 47 7.63 31.53 -19.38
N ASP A 48 8.72 31.01 -18.81
CA ASP A 48 8.72 29.67 -18.25
C ASP A 48 8.17 29.63 -16.83
N LEU A 49 8.48 30.64 -16.01
CA LEU A 49 8.02 30.66 -14.63
C LEU A 49 6.50 30.67 -14.55
N THR A 50 5.83 31.29 -15.52
CA THR A 50 4.37 31.33 -15.52
C THR A 50 3.79 29.93 -15.66
N ASP A 51 4.37 29.11 -16.53
CA ASP A 51 3.84 27.75 -16.74
C ASP A 51 4.07 26.87 -15.52
N TRP A 52 5.21 27.03 -14.85
CA TRP A 52 5.54 26.14 -13.73
C TRP A 52 4.63 26.38 -12.53
N ASN A 53 4.33 27.64 -12.22
CA ASN A 53 3.51 27.94 -11.04
C ASN A 53 2.02 28.01 -11.39
N LEU A 54 1.52 26.99 -12.07
CA LEU A 54 0.11 26.87 -12.39
C LEU A 54 -0.43 25.57 -11.82
N PRO A 55 -1.40 25.61 -10.91
CA PRO A 55 -1.98 24.37 -10.39
C PRO A 55 -2.64 23.56 -11.50
N LEU A 56 -2.49 22.25 -11.42
CA LEU A 56 -3.09 21.33 -12.39
C LEU A 56 -4.41 20.82 -11.81
N ALA A 57 -5.51 21.36 -12.31
CA ALA A 57 -6.82 20.96 -11.84
C ALA A 57 -7.13 19.52 -12.26
N PHE A 58 -7.77 18.78 -11.37
CA PHE A 58 -8.20 17.40 -11.63
C PHE A 58 -7.02 16.51 -12.03
N MET A 59 -5.87 16.75 -11.39
CA MET A 59 -4.67 15.94 -11.59
C MET A 59 -4.18 15.49 -10.21
N LYS A 60 -4.76 14.41 -9.71
CA LYS A 60 -4.39 13.86 -8.41
C LYS A 60 -4.67 12.36 -8.41
N LYS A 61 -4.42 11.72 -7.27
CA LYS A 61 -4.64 10.29 -7.16
C LYS A 61 -6.10 9.92 -7.37
N ARG A 62 -7.02 10.69 -6.77
CA ARG A 62 -8.43 10.37 -6.86
C ARG A 62 -8.98 10.51 -8.27
N HIS A 63 -8.34 11.31 -9.11
CA HIS A 63 -8.80 11.49 -10.49
C HIS A 63 -8.14 10.51 -11.44
N CYS A 64 -6.84 10.28 -11.28
CA CYS A 64 -6.11 9.40 -12.20
C CYS A 64 -6.43 7.94 -11.90
N GLU A 65 -6.13 7.48 -10.69
CA GLU A 65 -6.36 6.09 -10.33
C GLU A 65 -7.85 5.83 -10.13
N LYS A 66 -8.30 4.66 -10.54
CA LYS A 66 -9.68 4.24 -10.31
C LYS A 66 -9.87 3.93 -8.83
N ILE A 67 -10.98 4.43 -8.27
CA ILE A 67 -11.28 4.24 -6.85
C ILE A 67 -11.74 2.79 -6.68
N GLU A 68 -10.82 1.92 -6.25
CA GLU A 68 -11.14 0.53 -5.99
C GLU A 68 -10.11 -0.03 -5.02
N GLY A 69 -10.48 -1.14 -4.39
CA GLY A 69 -9.59 -1.76 -3.41
C GLY A 69 -8.56 -2.66 -4.08
N SER A 70 -7.34 -2.59 -3.57
CA SER A 70 -6.29 -3.47 -4.04
C SER A 70 -6.59 -4.91 -3.60
N LYS A 71 -6.48 -5.84 -4.54
CA LYS A 71 -6.80 -7.23 -4.25
C LYS A 71 -5.82 -7.80 -3.23
N SER A 72 -6.35 -8.49 -2.22
CA SER A 72 -5.52 -9.04 -1.17
C SER A 72 -4.83 -10.31 -1.65
N LEU A 73 -3.51 -10.35 -1.51
CA LEU A 73 -2.75 -11.52 -1.93
C LEU A 73 -2.94 -12.67 -0.95
N ALA A 74 -2.67 -13.88 -1.43
CA ALA A 74 -2.77 -15.07 -0.60
C ALA A 74 -1.58 -15.12 0.34
N GLN A 75 -1.78 -14.67 1.57
CA GLN A 75 -0.70 -14.62 2.55
C GLN A 75 -0.52 -16.00 3.18
N SER A 76 0.56 -16.67 2.85
CA SER A 76 0.86 -18.00 3.35
C SER A 76 1.95 -18.00 4.41
N TRP A 77 2.30 -16.83 4.96
CA TRP A 77 3.33 -16.77 5.98
C TRP A 77 2.87 -17.37 7.31
N ARG A 78 1.57 -17.59 7.48
CA ARG A 78 1.06 -18.18 8.71
C ARG A 78 1.62 -19.58 8.91
N MET A 79 1.99 -19.90 10.14
CA MET A 79 2.44 -21.24 10.45
C MET A 79 1.25 -22.18 10.57
N LYS A 80 1.26 -23.27 9.80
CA LYS A 80 0.11 -24.14 9.74
C LYS A 80 -0.15 -24.82 11.09
N ASP A 81 0.91 -25.30 11.74
CA ASP A 81 0.75 -25.99 13.01
C ASP A 81 2.01 -25.80 13.84
N ARG A 82 1.85 -25.94 15.16
CA ARG A 82 2.96 -25.81 16.10
C ARG A 82 3.18 -27.16 16.76
N MET A 83 4.23 -27.87 16.33
CA MET A 83 4.63 -29.10 16.97
C MET A 83 5.47 -28.79 18.22
N LYS A 84 5.50 -29.75 19.13
CA LYS A 84 6.29 -29.63 20.36
C LYS A 84 6.96 -30.96 20.64
N THR A 85 8.23 -30.90 21.05
CA THR A 85 8.95 -32.11 21.44
C THR A 85 8.68 -32.36 22.91
N VAL A 86 7.57 -33.04 23.19
CA VAL A 86 7.15 -33.24 24.58
C VAL A 86 8.12 -34.15 25.31
N SER A 87 8.65 -35.16 24.63
CA SER A 87 9.58 -36.09 25.25
C SER A 87 10.76 -36.33 24.32
N VAL A 88 11.88 -36.73 24.91
CA VAL A 88 13.10 -37.07 24.18
C VAL A 88 13.63 -38.39 24.73
N ALA A 89 13.97 -39.31 23.82
CA ALA A 89 14.51 -40.61 24.18
C ALA A 89 16.00 -40.63 23.89
N LEU A 90 16.79 -40.99 24.89
CA LEU A 90 18.25 -41.01 24.79
C LEU A 90 18.72 -42.46 24.94
N VAL A 91 18.91 -43.14 23.82
CA VAL A 91 19.44 -44.50 23.82
C VAL A 91 20.95 -44.40 23.56
N LEU A 92 21.75 -44.78 24.55
CA LEU A 92 23.20 -44.68 24.49
C LEU A 92 23.80 -46.08 24.59
N CYS A 93 24.15 -46.65 23.44
CA CYS A 93 24.85 -47.94 23.40
C CYS A 93 26.36 -47.72 23.31
N LEU A 94 26.90 -47.12 24.37
CA LEU A 94 28.31 -46.75 24.37
C LEU A 94 29.22 -47.94 24.60
N ASN A 95 28.79 -48.92 25.40
CA ASN A 95 29.58 -50.11 25.71
C ASN A 95 30.95 -49.71 26.28
N VAL A 96 30.90 -49.05 27.44
CA VAL A 96 32.11 -48.52 28.05
C VAL A 96 32.99 -49.66 28.54
N GLY A 97 34.27 -49.60 28.16
CA GLY A 97 35.25 -50.58 28.58
C GLY A 97 35.48 -51.73 27.63
N VAL A 98 34.64 -51.90 26.61
CA VAL A 98 34.79 -52.97 25.63
C VAL A 98 34.73 -52.35 24.23
N ASP A 99 35.66 -52.75 23.37
CA ASP A 99 35.75 -52.24 22.01
C ASP A 99 35.04 -53.18 21.04
N PRO A 100 34.25 -52.64 20.12
CA PRO A 100 33.54 -53.49 19.15
C PRO A 100 34.51 -54.27 18.28
N PRO A 101 34.16 -55.52 17.94
CA PRO A 101 35.05 -56.31 17.08
C PRO A 101 35.23 -55.75 15.67
N ASP A 102 34.23 -55.00 15.17
CA ASP A 102 34.27 -54.55 13.78
C ASP A 102 35.44 -53.59 13.53
N VAL A 103 35.66 -52.66 14.44
CA VAL A 103 36.66 -51.61 14.26
C VAL A 103 37.75 -51.80 15.31
N VAL A 104 39.00 -51.90 14.86
CA VAL A 104 40.14 -52.02 15.74
C VAL A 104 40.63 -50.60 16.05
N LYS A 105 40.33 -50.13 17.26
CA LYS A 105 40.70 -48.77 17.65
C LYS A 105 42.21 -48.66 17.84
N THR A 106 42.74 -47.48 17.53
CA THR A 106 44.15 -47.22 17.74
C THR A 106 44.45 -47.09 19.22
N THR A 107 45.74 -47.13 19.55
CA THR A 107 46.15 -47.02 20.95
C THR A 107 45.73 -45.69 21.58
N PRO A 108 45.93 -44.53 20.95
CA PRO A 108 45.37 -43.30 21.54
C PRO A 108 43.88 -43.17 21.35
N CYS A 109 43.36 -43.61 20.20
CA CYS A 109 41.94 -43.64 19.83
C CYS A 109 41.31 -42.27 20.09
N ALA A 110 39.99 -42.24 20.25
CA ALA A 110 39.23 -41.03 20.59
C ALA A 110 38.33 -41.38 21.77
N ARG A 111 38.67 -40.87 22.94
CA ARG A 111 38.04 -41.29 24.19
C ARG A 111 37.00 -40.32 24.72
N LEU A 112 36.66 -39.27 23.98
CA LEU A 112 35.80 -38.22 24.50
C LEU A 112 34.37 -38.41 23.96
N GLU A 113 33.46 -38.81 24.85
CA GLU A 113 32.03 -38.89 24.54
C GLU A 113 31.29 -37.91 25.44
N CYS A 114 30.58 -36.97 24.83
CA CYS A 114 29.82 -35.95 25.56
C CYS A 114 30.73 -35.17 26.51
N TRP A 115 31.95 -34.90 26.05
CA TRP A 115 32.96 -34.17 26.83
C TRP A 115 33.28 -34.87 28.15
N ILE A 116 33.20 -36.20 28.15
CA ILE A 116 33.48 -37.02 29.33
C ILE A 116 34.41 -38.16 28.92
N ASP A 117 35.43 -38.41 29.73
CA ASP A 117 36.36 -39.51 29.49
C ASP A 117 35.89 -40.73 30.27
N PRO A 118 35.27 -41.71 29.60
CA PRO A 118 34.70 -42.85 30.34
C PRO A 118 35.72 -43.70 31.09
N LEU A 119 36.96 -43.81 30.57
CA LEU A 119 37.93 -44.71 31.17
C LEU A 119 38.43 -44.23 32.52
N SER A 120 38.23 -42.95 32.85
CA SER A 120 38.79 -42.41 34.08
C SER A 120 37.93 -42.69 35.30
N MET A 121 36.63 -42.91 35.13
CA MET A 121 35.69 -42.97 36.24
C MET A 121 34.93 -44.29 36.36
N GLY A 122 35.43 -45.37 35.76
CA GLY A 122 34.76 -46.65 35.85
C GLY A 122 33.59 -46.75 34.90
N PRO A 123 33.27 -47.98 34.46
CA PRO A 123 32.30 -48.13 33.37
C PRO A 123 30.89 -47.64 33.67
N GLN A 124 30.27 -48.16 34.74
CA GLN A 124 28.87 -47.82 35.02
C GLN A 124 28.73 -46.35 35.39
N LYS A 125 29.64 -45.85 36.22
CA LYS A 125 29.59 -44.43 36.60
C LYS A 125 29.79 -43.55 35.38
N ALA A 126 30.72 -43.92 34.50
CA ALA A 126 30.94 -43.15 33.28
C ALA A 126 29.70 -43.14 32.40
N LEU A 127 29.05 -44.29 32.24
CA LEU A 127 27.86 -44.34 31.41
C LEU A 127 26.75 -43.47 31.98
N GLU A 128 26.53 -43.55 33.28
CA GLU A 128 25.51 -42.71 33.92
C GLU A 128 25.84 -41.23 33.77
N THR A 129 27.12 -40.87 33.97
CA THR A 129 27.52 -39.47 33.86
C THR A 129 27.34 -38.96 32.44
N ILE A 130 27.69 -39.78 31.45
CA ILE A 130 27.53 -39.38 30.05
C ILE A 130 26.06 -39.21 29.70
N GLY A 131 25.21 -40.11 30.19
CA GLY A 131 23.78 -39.96 29.96
C GLY A 131 23.24 -38.68 30.56
N ALA A 132 23.64 -38.38 31.80
CA ALA A 132 23.19 -37.15 32.45
C ALA A 132 23.71 -35.92 31.70
N ASN A 133 24.96 -35.96 31.25
CA ASN A 133 25.53 -34.82 30.53
C ASN A 133 24.84 -34.61 29.19
N LEU A 134 24.49 -35.69 28.50
CA LEU A 134 23.76 -35.57 27.24
C LEU A 134 22.36 -35.02 27.47
N GLN A 135 21.70 -35.48 28.54
CA GLN A 135 20.40 -34.89 28.89
C GLN A 135 20.52 -33.41 29.17
N LYS A 136 21.59 -33.00 29.86
CA LYS A 136 21.83 -31.58 30.12
C LYS A 136 22.05 -30.80 28.83
N GLN A 137 22.85 -31.36 27.92
CA GLN A 137 23.12 -30.69 26.65
C GLN A 137 21.85 -30.51 25.84
N TYR A 138 20.96 -31.52 25.86
CA TYR A 138 19.70 -31.36 25.14
C TYR A 138 18.76 -30.40 25.86
N GLU A 139 18.75 -30.42 27.19
CA GLU A 139 17.95 -29.47 27.95
C GLU A 139 18.39 -28.04 27.70
N ASN A 140 19.64 -27.85 27.30
CA ASN A 140 20.11 -26.52 26.92
C ASN A 140 19.24 -25.94 25.81
N TRP A 141 18.70 -26.78 24.94
CA TRP A 141 17.87 -26.35 23.82
C TRP A 141 16.37 -26.50 24.07
N GLN A 142 15.95 -27.62 24.66
CA GLN A 142 14.54 -27.88 24.96
C GLN A 142 14.45 -28.25 26.43
N PRO A 143 14.44 -27.26 27.33
CA PRO A 143 14.43 -27.57 28.77
C PRO A 143 13.21 -28.35 29.22
N ARG A 144 12.05 -28.12 28.60
CA ARG A 144 10.79 -28.72 29.06
C ARG A 144 10.47 -29.92 28.18
N ALA A 145 11.01 -31.07 28.58
CA ALA A 145 10.78 -32.33 27.89
C ALA A 145 11.07 -33.47 28.84
N ARG A 146 10.30 -34.54 28.70
CA ARG A 146 10.50 -35.74 29.52
C ARG A 146 11.63 -36.57 28.92
N TYR A 147 12.84 -36.35 29.42
CA TYR A 147 14.00 -37.11 28.98
C TYR A 147 14.06 -38.44 29.73
N LYS A 148 14.04 -39.54 29.00
CA LYS A 148 14.15 -40.87 29.57
C LYS A 148 15.35 -41.56 28.93
N GLN A 149 16.47 -41.56 29.65
CA GLN A 149 17.70 -42.13 29.14
C GLN A 149 17.63 -43.66 29.15
N SER A 150 18.35 -44.26 28.19
CA SER A 150 18.57 -45.70 28.17
C SER A 150 20.06 -45.94 28.05
N LEU A 151 20.61 -46.72 28.98
CA LEU A 151 22.04 -46.98 29.05
C LEU A 151 22.26 -48.45 28.72
N ASP A 152 22.77 -48.71 27.53
CA ASP A 152 22.96 -50.07 27.01
C ASP A 152 21.68 -50.90 27.15
N PRO A 153 20.59 -50.49 26.51
CA PRO A 153 19.31 -51.17 26.71
C PRO A 153 19.19 -52.42 25.84
N THR A 154 18.21 -53.24 26.20
CA THR A 154 17.85 -54.40 25.40
C THR A 154 16.67 -54.05 24.50
N VAL A 155 16.30 -55.00 23.64
CA VAL A 155 15.23 -54.76 22.67
C VAL A 155 13.91 -54.50 23.40
N ASP A 156 13.61 -55.31 24.41
CA ASP A 156 12.38 -55.13 25.16
C ASP A 156 12.38 -53.82 25.95
N GLU A 157 13.54 -53.41 26.46
CA GLU A 157 13.64 -52.15 27.18
C GLU A 157 13.35 -50.97 26.26
N VAL A 158 13.93 -50.98 25.06
CA VAL A 158 13.65 -49.92 24.10
C VAL A 158 12.19 -49.95 23.69
N LYS A 159 11.63 -51.16 23.53
CA LYS A 159 10.21 -51.31 23.22
C LYS A 159 9.35 -50.61 24.26
N LYS A 160 9.59 -50.93 25.54
CA LYS A 160 8.80 -50.34 26.61
C LYS A 160 9.00 -48.83 26.68
N LEU A 161 10.24 -48.37 26.54
CA LEU A 161 10.51 -46.93 26.60
C LEU A 161 9.78 -46.19 25.49
N CYS A 162 9.96 -46.63 24.24
CA CYS A 162 9.37 -45.91 23.11
C CYS A 162 7.85 -46.00 23.13
N THR A 163 7.29 -47.17 23.48
CA THR A 163 5.84 -47.30 23.55
C THR A 163 5.26 -46.41 24.65
N SER A 164 5.92 -46.33 25.80
CA SER A 164 5.44 -45.45 26.86
C SER A 164 5.51 -43.99 26.44
N LEU A 165 6.59 -43.59 25.77
CA LEU A 165 6.69 -42.22 25.30
C LEU A 165 5.62 -41.90 24.27
N ARG A 166 5.35 -42.84 23.36
CA ARG A 166 4.29 -42.62 22.38
C ARG A 166 2.92 -42.52 23.04
N ARG A 167 2.66 -43.38 24.03
CA ARG A 167 1.41 -43.29 24.78
C ARG A 167 1.30 -41.96 25.51
N ASN A 168 2.43 -41.42 25.97
CA ASN A 168 2.42 -40.13 26.64
C ASN A 168 2.14 -39.00 25.66
N ALA A 169 2.72 -39.06 24.47
CA ALA A 169 2.56 -38.03 23.44
C ALA A 169 2.23 -38.72 22.12
N LYS A 170 0.92 -38.89 21.86
CA LYS A 170 0.50 -39.60 20.65
C LYS A 170 0.60 -38.73 19.40
N GLU A 171 0.42 -37.42 19.54
CA GLU A 171 0.36 -36.52 18.39
C GLU A 171 1.43 -35.44 18.40
N GLU A 172 2.42 -35.53 19.28
CA GLU A 172 3.49 -34.57 19.35
C GLU A 172 4.83 -35.24 19.08
N ARG A 173 5.82 -34.44 18.72
CA ARG A 173 7.13 -34.97 18.36
C ARG A 173 7.80 -35.62 19.56
N VAL A 174 8.49 -36.73 19.31
CA VAL A 174 9.30 -37.40 20.31
C VAL A 174 10.66 -37.69 19.69
N LEU A 175 11.72 -37.19 20.31
CA LEU A 175 13.06 -37.32 19.77
C LEU A 175 13.66 -38.66 20.22
N PHE A 176 14.26 -39.37 19.27
CA PHE A 176 14.96 -40.62 19.55
C PHE A 176 16.44 -40.40 19.23
N HIS A 177 17.28 -40.52 20.25
CA HIS A 177 18.72 -40.32 20.11
C HIS A 177 19.43 -41.64 20.31
N TYR A 178 20.23 -42.04 19.33
CA TYR A 178 20.93 -43.31 19.36
C TYR A 178 22.43 -43.10 19.18
N ASN A 179 23.22 -43.84 19.94
CA ASN A 179 24.68 -43.80 19.87
C ASN A 179 25.18 -45.22 19.63
N GLY A 180 25.58 -45.51 18.40
CA GLY A 180 26.10 -46.82 18.06
C GLY A 180 27.61 -46.91 18.09
N HIS A 181 28.24 -46.23 19.05
CA HIS A 181 29.69 -46.23 19.13
C HIS A 181 30.24 -47.51 19.73
N GLY A 182 29.52 -48.13 20.66
CA GLY A 182 29.94 -49.36 21.28
C GLY A 182 29.34 -50.63 20.71
N VAL A 183 28.64 -50.54 19.58
CA VAL A 183 27.96 -51.70 18.99
C VAL A 183 28.38 -51.81 17.53
N PRO A 184 28.26 -53.00 16.94
CA PRO A 184 28.68 -53.16 15.55
C PRO A 184 27.84 -52.31 14.59
N ARG A 185 28.40 -52.11 13.40
CA ARG A 185 27.76 -51.25 12.41
C ARG A 185 26.42 -51.84 11.97
N PRO A 186 25.46 -50.98 11.59
CA PRO A 186 24.21 -51.49 11.05
C PRO A 186 24.44 -52.24 9.75
N THR A 187 23.62 -53.28 9.53
CA THR A 187 23.71 -54.07 8.32
C THR A 187 22.78 -53.52 7.24
N VAL A 188 22.99 -54.01 6.01
CA VAL A 188 22.15 -53.61 4.89
C VAL A 188 20.72 -54.09 5.09
N ASN A 189 20.54 -55.17 5.85
CA ASN A 189 19.20 -55.71 6.09
C ASN A 189 18.31 -54.75 6.85
N GLY A 190 18.89 -53.74 7.49
CA GLY A 190 18.10 -52.75 8.21
C GLY A 190 17.89 -53.09 9.67
N GLU A 191 18.97 -53.30 10.41
CA GLU A 191 18.91 -53.62 11.82
C GLU A 191 19.88 -52.75 12.61
N VAL A 192 19.57 -52.58 13.89
CA VAL A 192 20.39 -51.80 14.81
C VAL A 192 20.74 -52.69 16.00
N TRP A 193 22.01 -52.69 16.39
CA TRP A 193 22.52 -53.63 17.39
C TRP A 193 22.48 -53.01 18.78
N VAL A 194 21.86 -53.73 19.71
CA VAL A 194 21.84 -53.38 21.12
C VAL A 194 22.28 -54.60 21.93
N PHE A 195 22.25 -54.47 23.25
CA PHE A 195 22.80 -55.47 24.15
C PHE A 195 21.71 -56.39 24.69
N ASN A 196 22.11 -57.61 25.00
CA ASN A 196 21.21 -58.57 25.64
C ASN A 196 21.27 -58.37 27.16
N LYS A 197 20.70 -59.31 27.91
CA LYS A 197 20.63 -59.17 29.36
C LYS A 197 22.00 -59.32 29.99
N ASN A 198 22.78 -60.31 29.57
CA ASN A 198 24.07 -60.61 30.18
C ASN A 198 25.22 -59.85 29.56
N TYR A 199 24.97 -59.01 28.56
CA TYR A 199 26.01 -58.24 27.87
C TYR A 199 27.08 -59.17 27.28
N THR A 200 26.64 -60.32 26.77
CA THR A 200 27.55 -61.29 26.17
C THR A 200 27.48 -61.33 24.65
N GLN A 201 26.45 -60.72 24.06
CA GLN A 201 26.32 -60.67 22.60
C GLN A 201 25.43 -59.49 22.23
N TYR A 202 25.75 -58.85 21.11
CA TYR A 202 24.95 -57.73 20.62
C TYR A 202 23.75 -58.27 19.86
N ILE A 203 22.55 -58.06 20.40
CA ILE A 203 21.33 -58.53 19.77
C ILE A 203 20.78 -57.45 18.84
N PRO A 204 20.39 -57.80 17.62
CA PRO A 204 19.90 -56.78 16.69
C PRO A 204 18.52 -56.29 17.04
N LEU A 205 18.16 -55.14 16.46
CA LEU A 205 16.84 -54.55 16.62
C LEU A 205 16.40 -54.00 15.27
N SER A 206 15.38 -54.60 14.69
CA SER A 206 14.93 -54.20 13.36
C SER A 206 14.36 -52.79 13.39
N ILE A 207 14.73 -51.98 12.38
CA ILE A 207 14.19 -50.62 12.28
C ILE A 207 12.70 -50.67 12.02
N TYR A 208 12.21 -51.72 11.35
CA TYR A 208 10.77 -51.88 11.17
C TYR A 208 10.06 -51.91 12.51
N ASP A 209 10.53 -52.75 13.43
CA ASP A 209 9.97 -52.79 14.77
C ASP A 209 10.18 -51.47 15.51
N LEU A 210 11.30 -50.80 15.24
CA LEU A 210 11.60 -49.54 15.91
C LEU A 210 10.56 -48.47 15.56
N GLN A 211 10.27 -48.30 14.27
CA GLN A 211 9.26 -47.32 13.87
C GLN A 211 7.84 -47.84 14.05
N THR A 212 7.66 -49.15 14.23
CA THR A 212 6.35 -49.66 14.65
C THR A 212 6.06 -49.27 16.09
N TRP A 213 7.06 -49.36 16.96
CA TRP A 213 6.91 -48.90 18.34
C TRP A 213 6.76 -47.39 18.41
N MET A 214 7.45 -46.67 17.53
CA MET A 214 7.34 -45.23 17.43
C MET A 214 6.09 -44.87 16.63
N GLY A 215 5.82 -43.57 16.52
CA GLY A 215 4.69 -43.08 15.75
C GLY A 215 5.12 -42.21 14.58
N SER A 216 4.11 -41.72 13.85
CA SER A 216 4.39 -40.84 12.72
C SER A 216 5.04 -39.52 13.15
N PRO A 217 4.55 -38.80 14.19
CA PRO A 217 5.26 -37.59 14.63
C PRO A 217 6.45 -37.95 15.51
N SER A 218 7.65 -37.85 14.94
CA SER A 218 8.87 -38.19 15.65
C SER A 218 10.06 -37.72 14.81
N ILE A 219 11.16 -37.42 15.49
CA ILE A 219 12.43 -37.12 14.83
C ILE A 219 13.49 -38.04 15.40
N PHE A 220 14.37 -38.53 14.54
CA PHE A 220 15.41 -39.46 14.92
C PHE A 220 16.78 -38.84 14.68
N VAL A 221 17.65 -38.97 15.67
CA VAL A 221 19.04 -38.53 15.55
C VAL A 221 19.92 -39.76 15.73
N TYR A 222 20.70 -40.08 14.71
CA TYR A 222 21.58 -41.24 14.71
C TYR A 222 23.02 -40.77 14.83
N ASP A 223 23.79 -41.41 15.70
CA ASP A 223 25.22 -41.19 15.82
C ASP A 223 25.88 -42.55 15.73
N CYS A 224 26.14 -43.01 14.51
CA CYS A 224 26.72 -44.31 14.25
C CYS A 224 27.79 -44.16 13.18
N SER A 225 28.39 -45.28 12.78
CA SER A 225 29.31 -45.27 11.66
C SER A 225 28.55 -45.22 10.33
N ASN A 226 27.79 -46.26 10.03
CA ASN A 226 26.98 -46.32 8.82
C ASN A 226 25.54 -45.91 9.12
N ALA A 227 25.39 -44.65 9.53
CA ALA A 227 24.05 -44.12 9.78
C ALA A 227 23.28 -43.92 8.48
N GLY A 228 23.98 -43.75 7.36
CA GLY A 228 23.32 -43.69 6.08
C GLY A 228 22.57 -44.97 5.78
N LEU A 229 23.11 -46.11 6.18
CA LEU A 229 22.38 -47.37 6.05
C LEU A 229 21.10 -47.35 6.87
N ILE A 230 21.15 -46.76 8.07
CA ILE A 230 19.95 -46.66 8.90
C ILE A 230 18.89 -45.81 8.21
N VAL A 231 19.30 -44.67 7.64
CA VAL A 231 18.34 -43.80 6.95
C VAL A 231 17.77 -44.49 5.72
N LYS A 232 18.62 -45.16 4.94
CA LYS A 232 18.15 -45.87 3.76
C LYS A 232 17.16 -46.97 4.12
N SER A 233 17.46 -47.73 5.17
CA SER A 233 16.56 -48.79 5.60
C SER A 233 15.25 -48.23 6.15
N PHE A 234 15.32 -47.08 6.84
CA PHE A 234 14.10 -46.44 7.30
C PHE A 234 13.21 -46.02 6.14
N LYS A 235 13.81 -45.41 5.11
CA LYS A 235 13.04 -45.01 3.94
C LYS A 235 12.49 -46.23 3.19
N GLN A 236 13.29 -47.30 3.10
CA GLN A 236 12.82 -48.52 2.45
C GLN A 236 11.64 -49.13 3.21
N PHE A 237 11.71 -49.12 4.54
CA PHE A 237 10.60 -49.63 5.34
C PHE A 237 9.36 -48.75 5.19
N ALA A 238 9.56 -47.43 5.09
CA ALA A 238 8.42 -46.55 4.84
C ALA A 238 7.77 -46.86 3.48
N LEU A 239 8.60 -47.08 2.46
CA LEU A 239 8.05 -47.46 1.16
C LEU A 239 7.34 -48.81 1.23
N GLN A 240 7.88 -49.75 1.99
CA GLN A 240 7.22 -51.04 2.18
C GLN A 240 5.88 -50.89 2.86
N ARG A 241 5.81 -50.03 3.88
CA ARG A 241 4.53 -49.75 4.54
C ARG A 241 3.54 -49.12 3.57
N GLU A 242 4.01 -48.18 2.74
CA GLU A 242 3.12 -47.57 1.75
C GLU A 242 2.61 -48.59 0.75
N GLN A 243 3.48 -49.49 0.29
CA GLN A 243 3.06 -50.54 -0.63
C GLN A 243 2.04 -51.47 0.02
N GLU A 244 2.26 -51.82 1.28
CA GLU A 244 1.32 -52.71 1.98
C GLU A 244 -0.01 -52.01 2.25
N LEU A 245 0.00 -50.68 2.41
CA LEU A 245 -1.21 -49.96 2.80
C LEU A 245 -2.27 -50.02 1.71
N GLU A 246 -1.88 -50.16 0.44
CA GLU A 246 -2.86 -50.22 -0.64
C GLU A 246 -3.77 -51.43 -0.48
N VAL A 247 -3.21 -52.62 -0.50
CA VAL A 247 -4.00 -53.84 -0.36
C VAL A 247 -3.36 -54.76 0.68
N SER A 264 4.07 -42.92 7.09
CA SER A 264 4.89 -42.09 7.97
C SER A 264 6.28 -41.91 7.39
N MET A 265 6.36 -41.20 6.26
CA MET A 265 7.62 -40.92 5.59
C MET A 265 8.04 -39.47 5.71
N LYS A 266 7.16 -38.53 5.31
CA LYS A 266 7.49 -37.12 5.46
C LYS A 266 7.43 -36.67 6.92
N ASN A 267 6.55 -37.27 7.71
CA ASN A 267 6.39 -36.85 9.11
C ASN A 267 7.64 -37.13 9.91
N CYS A 268 8.27 -38.29 9.72
CA CYS A 268 9.45 -38.65 10.48
C CYS A 268 10.68 -37.93 9.91
N ILE A 269 11.53 -37.43 10.80
CA ILE A 269 12.74 -36.71 10.43
C ILE A 269 13.93 -37.49 10.97
N GLN A 270 14.97 -37.63 10.15
CA GLN A 270 16.18 -38.33 10.55
C GLN A 270 17.37 -37.41 10.41
N LEU A 271 18.27 -37.46 11.39
CA LEU A 271 19.57 -36.81 11.32
C LEU A 271 20.64 -37.87 11.50
N ALA A 272 21.52 -38.00 10.52
CA ALA A 272 22.47 -39.10 10.48
C ALA A 272 23.89 -38.57 10.50
N ALA A 273 24.77 -39.27 11.21
CA ALA A 273 26.15 -38.83 11.32
C ALA A 273 26.94 -39.01 10.04
N CYS A 274 26.64 -40.04 9.25
CA CYS A 274 27.47 -40.35 8.08
C CYS A 274 26.61 -40.92 6.98
N GLU A 275 27.17 -40.93 5.77
CA GLU A 275 26.62 -41.70 4.67
C GLU A 275 26.85 -43.19 4.94
N ALA A 276 26.15 -44.03 4.18
CA ALA A 276 26.21 -45.48 4.41
C ALA A 276 27.63 -46.00 4.31
N THR A 277 28.38 -45.57 3.29
CA THR A 277 29.74 -46.06 3.11
C THR A 277 30.69 -45.50 4.16
N GLU A 278 30.52 -44.24 4.53
CA GLU A 278 31.52 -43.52 5.31
C GLU A 278 31.59 -44.02 6.74
N LEU A 279 32.76 -43.77 7.36
CA LEU A 279 33.05 -44.13 8.74
C LEU A 279 33.31 -42.88 9.56
N LEU A 280 33.03 -42.96 10.85
CA LEU A 280 33.28 -41.84 11.74
C LEU A 280 34.78 -41.58 11.88
N PRO A 281 35.19 -40.33 12.04
CA PRO A 281 36.61 -40.04 12.20
C PRO A 281 37.17 -40.59 13.50
N MET A 282 38.46 -40.91 13.48
CA MET A 282 39.16 -41.48 14.63
C MET A 282 40.30 -40.61 15.12
N ILE A 283 40.28 -39.32 14.79
CA ILE A 283 41.35 -38.41 15.21
C ILE A 283 41.30 -38.23 16.73
N PRO A 284 42.41 -38.40 17.44
CA PRO A 284 42.36 -38.29 18.91
C PRO A 284 41.94 -36.92 19.41
N ASP A 285 42.24 -35.85 18.68
CA ASP A 285 41.93 -34.51 19.16
C ASP A 285 40.42 -34.29 19.26
N LEU A 286 39.67 -34.75 18.27
CA LEU A 286 38.24 -34.56 18.27
C LEU A 286 37.54 -35.52 19.24
N PRO A 287 36.35 -35.18 19.70
CA PRO A 287 35.58 -36.13 20.51
C PRO A 287 35.16 -37.33 19.69
N ALA A 288 35.03 -38.48 20.36
CA ALA A 288 34.45 -39.64 19.71
C ALA A 288 32.99 -39.39 19.34
N ASP A 289 32.26 -38.75 20.25
CA ASP A 289 30.87 -38.34 20.00
C ASP A 289 30.91 -36.97 19.32
N LEU A 290 31.00 -37.00 17.99
CA LEU A 290 31.22 -35.76 17.23
C LEU A 290 29.89 -35.15 16.77
N PHE A 291 29.03 -35.96 16.14
CA PHE A 291 27.82 -35.41 15.54
C PHE A 291 26.88 -34.83 16.60
N THR A 292 26.71 -35.54 17.71
CA THR A 292 25.88 -35.01 18.79
C THR A 292 26.53 -33.80 19.43
N SER A 293 27.87 -33.76 19.49
CA SER A 293 28.54 -32.58 20.02
C SER A 293 28.29 -31.36 19.14
N CYS A 294 28.24 -31.57 17.82
CA CYS A 294 27.90 -30.48 16.91
C CYS A 294 26.44 -30.08 17.04
N LEU A 295 25.55 -31.04 17.25
CA LEU A 295 24.12 -30.74 17.31
C LEU A 295 23.73 -30.05 18.60
N THR A 296 24.27 -30.49 19.73
CA THR A 296 23.84 -30.02 21.05
C THR A 296 24.73 -28.93 21.63
N THR A 297 26.03 -28.95 21.34
CA THR A 297 26.97 -27.93 21.81
C THR A 297 27.73 -27.39 20.60
N PRO A 298 27.06 -26.61 19.75
CA PRO A 298 27.71 -26.16 18.52
C PRO A 298 28.84 -25.17 18.75
N ILE A 299 28.72 -24.31 19.74
CA ILE A 299 29.73 -23.27 19.93
C ILE A 299 31.04 -23.88 20.42
N LYS A 300 30.97 -24.82 21.36
CA LYS A 300 32.19 -25.42 21.90
C LYS A 300 32.93 -26.20 20.82
N ILE A 301 32.21 -27.04 20.07
CA ILE A 301 32.86 -27.81 19.02
C ILE A 301 33.34 -26.89 17.90
N ALA A 302 32.61 -25.82 17.61
CA ALA A 302 33.04 -24.89 16.58
C ALA A 302 34.33 -24.19 16.96
N LEU A 303 34.44 -23.75 18.22
CA LEU A 303 35.67 -23.11 18.67
C LEU A 303 36.83 -24.11 18.71
N ARG A 304 36.56 -25.35 19.14
CA ARG A 304 37.61 -26.37 19.15
C ARG A 304 38.10 -26.67 17.74
N TRP A 305 37.18 -26.74 16.78
CA TRP A 305 37.57 -26.98 15.39
C TRP A 305 38.29 -25.79 14.79
N PHE A 306 37.88 -24.57 15.16
CA PHE A 306 38.57 -23.38 14.69
C PHE A 306 40.00 -23.32 15.22
N CYS A 307 40.20 -23.72 16.48
CA CYS A 307 41.53 -23.73 17.06
C CYS A 307 42.40 -24.86 16.52
N MET A 308 41.89 -25.67 15.59
CA MET A 308 42.67 -26.73 14.97
C MET A 308 42.99 -26.44 13.50
N GLN A 309 42.43 -25.39 12.92
CA GLN A 309 42.69 -25.05 11.53
C GLN A 309 43.95 -24.19 11.42
N LYS A 310 44.41 -24.01 10.18
CA LYS A 310 45.58 -23.17 9.94
C LYS A 310 45.28 -21.69 10.14
N CYS A 311 44.02 -21.30 10.31
CA CYS A 311 43.69 -19.91 10.59
C CYS A 311 44.18 -19.46 11.95
N VAL A 312 44.54 -20.39 12.83
CA VAL A 312 45.13 -20.02 14.12
C VAL A 312 46.46 -19.34 13.94
N SER A 313 47.16 -19.62 12.82
CA SER A 313 48.46 -19.00 12.58
C SER A 313 48.35 -17.48 12.55
N LEU A 314 47.19 -16.95 12.14
CA LEU A 314 47.01 -15.49 12.14
C LEU A 314 46.96 -14.94 13.56
N VAL A 315 46.55 -15.75 14.54
CA VAL A 315 46.39 -15.29 15.91
C VAL A 315 47.22 -16.17 16.85
N PRO A 316 48.45 -15.78 17.16
CA PRO A 316 49.24 -16.56 18.11
C PRO A 316 48.69 -16.45 19.53
N GLY A 317 49.08 -17.40 20.37
CA GLY A 317 48.67 -17.38 21.76
C GLY A 317 47.25 -17.80 22.03
N VAL A 318 46.66 -18.62 21.15
CA VAL A 318 45.32 -19.14 21.34
C VAL A 318 45.40 -20.66 21.29
N THR A 319 45.05 -21.32 22.39
CA THR A 319 45.14 -22.77 22.50
C THR A 319 43.83 -23.30 23.07
N LEU A 320 43.65 -24.62 22.96
CA LEU A 320 42.45 -25.25 23.50
C LEU A 320 42.34 -25.06 25.01
N ASP A 321 43.48 -24.97 25.70
CA ASP A 321 43.45 -24.71 27.13
C ASP A 321 42.80 -23.36 27.43
N LEU A 322 43.05 -22.36 26.59
CA LEU A 322 42.41 -21.07 26.76
C LEU A 322 40.93 -21.13 26.43
N ILE A 323 40.55 -21.91 25.42
CA ILE A 323 39.14 -22.08 25.09
C ILE A 323 38.39 -22.73 26.25
N GLU A 324 39.04 -23.68 26.92
CA GLU A 324 38.41 -24.34 28.07
C GLU A 324 38.06 -23.34 29.17
N LYS A 325 38.84 -22.27 29.29
CA LYS A 325 38.61 -21.26 30.32
C LYS A 325 37.95 -19.99 29.78
N ILE A 326 37.19 -20.10 28.69
CA ILE A 326 36.53 -18.91 28.14
C ILE A 326 35.48 -18.42 29.13
N PRO A 327 35.35 -17.11 29.35
CA PRO A 327 34.33 -16.60 30.26
C PRO A 327 32.97 -16.48 29.60
N GLY A 328 31.95 -16.36 30.45
CA GLY A 328 30.60 -16.13 30.01
C GLY A 328 29.78 -17.41 29.91
N ARG A 329 28.48 -17.22 29.72
CA ARG A 329 27.52 -18.30 29.57
C ARG A 329 26.80 -18.20 28.24
N LEU A 330 26.15 -19.29 27.85
CA LEU A 330 25.46 -19.35 26.56
C LEU A 330 24.22 -18.46 26.52
N ASN A 331 23.71 -18.03 27.67
CA ASN A 331 22.48 -17.25 27.73
C ASN A 331 22.72 -15.75 27.76
N ASP A 332 23.64 -15.29 28.60
CA ASP A 332 23.94 -13.86 28.69
C ASP A 332 24.64 -13.41 27.42
N ARG A 333 23.91 -12.72 26.54
CA ARG A 333 24.45 -12.27 25.27
C ARG A 333 25.50 -11.18 25.44
N ARG A 334 25.54 -10.52 26.59
CA ARG A 334 26.56 -9.50 26.84
C ARG A 334 27.93 -10.10 27.08
N THR A 335 27.99 -11.35 27.50
CA THR A 335 29.25 -12.06 27.73
C THR A 335 29.80 -12.60 26.42
N PRO A 336 31.12 -12.80 26.32
CA PRO A 336 31.70 -13.26 25.05
C PRO A 336 31.11 -14.57 24.55
N LEU A 337 30.87 -15.53 25.44
CA LEU A 337 30.33 -16.82 25.01
C LEU A 337 28.90 -16.68 24.51
N GLY A 338 28.08 -15.88 25.21
CA GLY A 338 26.73 -15.63 24.74
C GLY A 338 26.71 -14.85 23.44
N GLU A 339 27.64 -13.90 23.29
CA GLU A 339 27.75 -13.18 22.02
C GLU A 339 28.10 -14.12 20.89
N LEU A 340 29.04 -15.04 21.13
CA LEU A 340 29.40 -16.03 20.11
C LEU A 340 28.21 -16.91 19.76
N ASN A 341 27.44 -17.34 20.77
CA ASN A 341 26.26 -18.15 20.51
C ASN A 341 25.24 -17.40 19.68
N TRP A 342 25.01 -16.13 20.01
CA TRP A 342 24.06 -15.31 19.25
C TRP A 342 24.52 -15.14 17.80
N ILE A 343 25.80 -14.87 17.60
CA ILE A 343 26.34 -14.70 16.25
C ILE A 343 26.23 -16.00 15.46
N PHE A 344 26.50 -17.14 16.12
CA PHE A 344 26.35 -18.43 15.47
C PHE A 344 24.91 -18.68 15.06
N THR A 345 23.96 -18.37 15.95
CA THR A 345 22.55 -18.53 15.61
C THR A 345 22.17 -17.67 14.41
N ALA A 346 22.62 -16.41 14.42
CA ALA A 346 22.30 -15.52 13.31
C ALA A 346 22.87 -16.05 11.99
N ILE A 347 24.11 -16.51 12.01
CA ILE A 347 24.76 -16.97 10.77
C ILE A 347 24.10 -18.25 10.26
N THR A 348 23.82 -19.20 11.16
CA THR A 348 23.17 -20.43 10.72
C THR A 348 21.78 -20.17 10.19
N ASP A 349 21.03 -19.28 10.85
CA ASP A 349 19.70 -18.93 10.35
C ASP A 349 19.79 -18.25 8.99
N THR A 350 20.80 -17.40 8.80
CA THR A 350 20.99 -16.73 7.51
C THR A 350 21.29 -17.74 6.41
N ILE A 351 22.18 -18.69 6.69
CA ILE A 351 22.53 -19.70 5.71
C ILE A 351 21.30 -20.53 5.35
N ALA A 352 20.54 -20.94 6.38
CA ALA A 352 19.33 -21.73 6.13
C ALA A 352 18.33 -20.95 5.28
N TRP A 353 18.13 -19.68 5.59
CA TRP A 353 17.17 -18.87 4.85
C TRP A 353 17.59 -18.68 3.40
N ASN A 354 18.88 -18.41 3.17
CA ASN A 354 19.34 -18.12 1.81
C ASN A 354 19.41 -19.39 0.96
N VAL A 355 19.78 -20.52 1.55
CA VAL A 355 20.02 -21.73 0.79
C VAL A 355 18.74 -22.55 0.62
N LEU A 356 18.04 -22.83 1.71
CA LEU A 356 16.86 -23.67 1.65
C LEU A 356 15.69 -22.93 0.98
N PRO A 357 14.78 -23.65 0.36
CA PRO A 357 13.55 -23.03 -0.14
C PRO A 357 12.65 -22.59 0.99
N ARG A 358 11.70 -21.71 0.65
CA ARG A 358 10.86 -21.10 1.68
C ARG A 358 10.02 -22.14 2.42
N ASP A 359 9.44 -23.10 1.68
CA ASP A 359 8.59 -24.10 2.34
C ASP A 359 9.41 -24.98 3.28
N LEU A 360 10.58 -25.45 2.83
CA LEU A 360 11.41 -26.30 3.67
C LEU A 360 11.98 -25.51 4.85
N PHE A 361 12.33 -24.24 4.62
CA PHE A 361 12.82 -23.40 5.70
C PHE A 361 11.75 -23.21 6.78
N GLN A 362 10.51 -22.96 6.36
CA GLN A 362 9.42 -22.83 7.32
C GLN A 362 9.14 -24.15 8.03
N LYS A 363 9.24 -25.27 7.32
CA LYS A 363 8.95 -26.56 7.94
C LYS A 363 10.02 -26.96 8.96
N LEU A 364 11.28 -26.64 8.70
CA LEU A 364 12.38 -27.10 9.53
C LEU A 364 12.82 -26.06 10.56
N PHE A 365 13.23 -24.87 10.11
CA PHE A 365 13.84 -23.88 10.96
C PHE A 365 12.84 -22.93 11.63
N ARG A 366 11.54 -23.17 11.46
CA ARG A 366 10.53 -22.30 12.04
C ARG A 366 9.38 -23.04 12.73
N GLN A 367 9.29 -24.36 12.61
CA GLN A 367 8.16 -25.08 13.18
C GLN A 367 8.23 -25.10 14.70
N ASP A 368 9.28 -25.72 15.25
CA ASP A 368 9.45 -25.80 16.69
C ASP A 368 10.89 -25.51 17.06
N LEU A 369 11.11 -25.25 18.35
CA LEU A 369 12.43 -24.80 18.81
C LEU A 369 13.48 -25.90 18.65
N LEU A 370 13.15 -27.13 19.04
CA LEU A 370 14.16 -28.17 19.10
C LEU A 370 14.63 -28.58 17.70
N VAL A 371 13.69 -28.78 16.77
CA VAL A 371 14.07 -29.16 15.41
C VAL A 371 14.84 -28.04 14.73
N ALA A 372 14.39 -26.79 14.92
CA ALA A 372 15.09 -25.66 14.32
C ALA A 372 16.52 -25.55 14.85
N SER A 373 16.70 -25.72 16.17
CA SER A 373 18.03 -25.70 16.74
C SER A 373 18.88 -26.85 16.22
N LEU A 374 18.28 -28.04 16.10
CA LEU A 374 19.02 -29.20 15.62
C LEU A 374 19.50 -28.98 14.19
N PHE A 375 18.67 -28.38 13.33
CA PHE A 375 19.11 -28.14 11.96
C PHE A 375 20.09 -26.97 11.85
N ARG A 376 19.91 -25.93 12.67
CA ARG A 376 20.88 -24.85 12.69
C ARG A 376 22.26 -25.36 13.09
N ASN A 377 22.31 -26.26 14.08
CA ASN A 377 23.57 -26.91 14.43
C ASN A 377 23.97 -27.98 13.42
N PHE A 378 23.02 -28.53 12.67
CA PHE A 378 23.34 -29.51 11.64
C PHE A 378 24.09 -28.88 10.49
N LEU A 379 23.83 -27.61 10.20
CA LEU A 379 24.65 -26.90 9.21
C LEU A 379 26.12 -26.90 9.63
N LEU A 380 26.39 -26.56 10.90
CA LEU A 380 27.74 -26.61 11.42
C LEU A 380 28.30 -28.02 11.43
N ALA A 381 27.45 -29.01 11.74
CA ALA A 381 27.90 -30.39 11.72
C ALA A 381 28.35 -30.80 10.32
N GLU A 382 27.58 -30.42 9.31
CA GLU A 382 27.95 -30.70 7.92
C GLU A 382 29.29 -30.05 7.59
N ARG A 383 29.44 -28.76 7.93
CA ARG A 383 30.69 -28.06 7.61
C ARG A 383 31.87 -28.69 8.31
N ILE A 384 31.72 -29.02 9.60
CA ILE A 384 32.82 -29.57 10.37
C ILE A 384 33.22 -30.95 9.86
N MET A 385 32.23 -31.81 9.62
CA MET A 385 32.53 -33.18 9.26
C MET A 385 32.87 -33.35 7.78
N ARG A 386 32.61 -32.35 6.95
CA ARG A 386 33.09 -32.42 5.56
C ARG A 386 34.61 -32.50 5.51
N SER A 387 35.29 -31.79 6.41
CA SER A 387 36.74 -31.78 6.44
C SER A 387 37.35 -33.11 6.91
N TYR A 388 36.53 -34.04 7.40
CA TYR A 388 37.02 -35.33 7.86
C TYR A 388 36.44 -36.46 7.01
N ASN A 389 36.14 -36.17 5.74
CA ASN A 389 35.57 -37.15 4.82
C ASN A 389 34.31 -37.81 5.39
N CYS A 390 33.47 -36.99 6.00
CA CYS A 390 32.22 -37.46 6.60
C CYS A 390 31.09 -36.56 6.12
N THR A 391 29.98 -37.18 5.71
CA THR A 391 28.83 -36.45 5.18
C THR A 391 27.60 -36.71 6.03
N PRO A 392 27.16 -35.76 6.85
CA PRO A 392 25.91 -35.96 7.59
C PRO A 392 24.72 -36.06 6.64
N VAL A 393 23.72 -36.84 7.05
CA VAL A 393 22.56 -37.14 6.23
C VAL A 393 21.31 -36.75 7.00
N SER A 394 20.38 -36.07 6.33
CA SER A 394 19.09 -35.71 6.91
C SER A 394 17.98 -36.24 6.02
N SER A 395 16.83 -36.54 6.63
CA SER A 395 15.72 -37.11 5.87
C SER A 395 15.23 -36.17 4.78
N PRO A 396 14.96 -34.87 5.03
CA PRO A 396 14.80 -33.93 3.92
C PRO A 396 16.16 -33.45 3.44
N ARG A 397 16.53 -33.81 2.22
CA ARG A 397 17.88 -33.54 1.73
C ARG A 397 18.13 -32.05 1.65
N LEU A 398 18.98 -31.54 2.54
CA LEU A 398 19.30 -30.13 2.45
C LEU A 398 20.40 -29.90 1.42
N PRO A 399 20.26 -28.87 0.58
CA PRO A 399 21.35 -28.54 -0.33
C PRO A 399 22.60 -28.17 0.45
N PRO A 400 23.78 -28.47 -0.09
CA PRO A 400 25.02 -28.28 0.68
C PRO A 400 25.21 -26.83 1.09
N THR A 401 25.62 -26.64 2.35
CA THR A 401 25.85 -25.32 2.91
C THR A 401 27.27 -25.12 3.42
N TYR A 402 28.20 -26.01 3.07
CA TYR A 402 29.56 -25.88 3.55
C TYR A 402 30.32 -24.74 2.85
N MET A 403 29.89 -24.37 1.64
CA MET A 403 30.58 -23.35 0.87
C MET A 403 29.93 -21.97 0.97
N HIS A 404 28.89 -21.83 1.81
CA HIS A 404 28.17 -20.57 1.87
C HIS A 404 29.07 -19.46 2.41
N ALA A 405 28.84 -18.24 1.91
CA ALA A 405 29.73 -17.13 2.20
C ALA A 405 29.61 -16.67 3.65
N MET A 406 28.55 -17.08 4.35
CA MET A 406 28.37 -16.64 5.74
C MET A 406 29.28 -17.39 6.70
N TRP A 407 29.83 -18.53 6.29
CA TRP A 407 30.79 -19.21 7.15
C TRP A 407 32.09 -18.43 7.27
N GLN A 408 32.47 -17.70 6.22
CA GLN A 408 33.62 -16.81 6.31
C GLN A 408 33.37 -15.70 7.32
N ALA A 409 32.14 -15.15 7.32
CA ALA A 409 31.79 -14.14 8.32
C ALA A 409 31.81 -14.75 9.72
N TRP A 410 31.36 -16.00 9.85
CA TRP A 410 31.43 -16.69 11.14
C TRP A 410 32.87 -16.84 11.61
N ASP A 411 33.76 -17.24 10.71
CA ASP A 411 35.17 -17.38 11.07
C ASP A 411 35.76 -16.04 11.48
N LEU A 412 35.45 -14.97 10.75
CA LEU A 412 35.97 -13.66 11.11
C LEU A 412 35.44 -13.20 12.45
N ALA A 413 34.15 -13.40 12.70
CA ALA A 413 33.56 -12.98 13.97
C ALA A 413 34.15 -13.76 15.13
N VAL A 414 34.33 -15.06 14.98
CA VAL A 414 34.97 -15.87 16.02
C VAL A 414 36.40 -15.39 16.26
N ASP A 415 37.12 -15.11 15.17
CA ASP A 415 38.50 -14.63 15.30
C ASP A 415 38.56 -13.34 16.10
N ILE A 416 37.68 -12.38 15.78
CA ILE A 416 37.67 -11.11 16.48
C ILE A 416 37.26 -11.31 17.94
N CYS A 417 36.31 -12.22 18.19
CA CYS A 417 35.82 -12.42 19.55
C CYS A 417 36.87 -13.04 20.46
N LEU A 418 37.55 -14.09 19.99
CA LEU A 418 38.52 -14.78 20.83
C LEU A 418 39.95 -14.28 20.64
N SER A 419 40.15 -13.24 19.83
CA SER A 419 41.45 -12.58 19.81
C SER A 419 41.70 -11.79 21.09
N GLN A 420 40.64 -11.31 21.75
CA GLN A 420 40.76 -10.59 23.01
C GLN A 420 40.79 -11.52 24.22
N LEU A 421 40.62 -12.83 24.00
CA LEU A 421 40.51 -13.76 25.13
C LEU A 421 41.73 -13.79 26.03
N PRO A 422 42.98 -13.84 25.54
CA PRO A 422 44.11 -13.81 26.48
C PRO A 422 44.12 -12.59 27.37
N THR A 423 43.77 -11.41 26.83
CA THR A 423 43.72 -10.21 27.66
C THR A 423 42.62 -10.31 28.71
N ILE A 424 41.46 -10.84 28.33
CA ILE A 424 40.36 -11.01 29.28
C ILE A 424 40.78 -11.95 30.41
N ILE A 425 41.45 -13.06 30.07
CA ILE A 425 41.80 -14.05 31.08
C ILE A 425 42.88 -13.52 32.01
N GLU A 426 43.92 -12.89 31.44
CA GLU A 426 45.08 -12.51 32.25
C GLU A 426 44.97 -11.08 32.80
N GLU A 427 44.89 -10.09 31.91
CA GLU A 427 44.83 -8.70 32.36
C GLU A 427 43.46 -8.34 32.94
N GLY A 428 42.42 -9.10 32.62
CA GLY A 428 41.10 -8.80 33.12
C GLY A 428 40.52 -7.51 32.55
N THR A 429 40.73 -7.29 31.25
CA THR A 429 40.22 -6.10 30.60
C THR A 429 38.72 -6.22 30.36
N ALA A 430 38.15 -5.19 29.74
CA ALA A 430 36.73 -5.15 29.44
C ALA A 430 36.49 -5.70 28.03
N PHE A 431 35.55 -6.65 27.93
CA PHE A 431 35.22 -7.27 26.64
C PHE A 431 34.42 -6.29 25.80
N ARG A 432 35.00 -5.84 24.69
CA ARG A 432 34.27 -5.01 23.73
C ARG A 432 33.39 -5.89 22.86
N HIS A 433 32.16 -5.44 22.62
CA HIS A 433 31.22 -6.22 21.84
C HIS A 433 31.67 -6.36 20.39
N SER A 434 31.37 -7.51 19.80
CA SER A 434 31.76 -7.76 18.43
C SER A 434 30.98 -6.83 17.49
N PRO A 435 31.62 -6.31 16.45
CA PRO A 435 30.93 -5.42 15.52
C PRO A 435 30.16 -6.16 14.42
N PHE A 436 29.95 -7.47 14.62
CA PHE A 436 29.33 -8.27 13.57
C PHE A 436 27.94 -7.76 13.21
N PHE A 437 27.08 -7.54 14.21
CA PHE A 437 25.71 -7.13 13.93
C PHE A 437 25.66 -5.71 13.37
N ALA A 438 26.53 -4.83 13.87
CA ALA A 438 26.58 -3.48 13.32
C ALA A 438 26.98 -3.49 11.85
N GLU A 439 27.98 -4.30 11.49
CA GLU A 439 28.41 -4.39 10.10
C GLU A 439 27.34 -5.02 9.23
N GLN A 440 26.63 -6.04 9.74
CA GLN A 440 25.56 -6.65 8.96
C GLN A 440 24.41 -5.68 8.74
N LEU A 441 24.06 -4.88 9.76
CA LEU A 441 23.04 -3.87 9.58
C LEU A 441 23.49 -2.77 8.63
N THR A 442 24.78 -2.44 8.64
CA THR A 442 25.31 -1.51 7.65
C THR A 442 25.18 -2.08 6.24
N ALA A 443 25.44 -3.38 6.08
CA ALA A 443 25.26 -4.02 4.78
C ALA A 443 23.79 -4.00 4.36
N PHE A 444 22.88 -4.24 5.30
CA PHE A 444 21.45 -4.17 4.99
C PHE A 444 21.05 -2.76 4.57
N GLN A 445 21.58 -1.74 5.25
CA GLN A 445 21.32 -0.36 4.85
C GLN A 445 21.87 -0.06 3.46
N VAL A 446 23.07 -0.56 3.16
CA VAL A 446 23.65 -0.35 1.84
C VAL A 446 22.79 -1.01 0.77
N TRP A 447 22.27 -2.20 1.05
CA TRP A 447 21.35 -2.85 0.12
C TRP A 447 20.10 -2.02 -0.06
N LEU A 448 19.55 -1.47 1.03
CA LEU A 448 18.33 -0.68 0.95
C LEU A 448 18.54 0.62 0.18
N THR A 449 19.77 1.14 0.17
CA THR A 449 20.04 2.40 -0.53
C THR A 449 19.66 2.30 -2.01
N MET A 450 19.92 1.17 -2.64
CA MET A 450 19.54 0.92 -4.03
C MET A 450 18.72 -0.35 -4.14
N GLY A 451 17.90 -0.63 -3.13
CA GLY A 451 17.07 -1.82 -3.11
C GLY A 451 15.66 -1.60 -3.61
N VAL A 452 15.44 -0.51 -4.34
CA VAL A 452 14.12 -0.21 -4.87
C VAL A 452 13.66 -1.31 -5.82
N GLU A 453 14.55 -1.75 -6.71
CA GLU A 453 14.21 -2.81 -7.64
C GLU A 453 14.00 -4.13 -6.91
N ASN A 454 13.17 -4.99 -7.49
CA ASN A 454 12.90 -6.31 -6.93
C ASN A 454 13.98 -7.30 -7.36
N ARG A 455 15.20 -7.04 -6.88
CA ARG A 455 16.35 -7.90 -7.14
C ARG A 455 16.38 -9.02 -6.09
N ASN A 456 17.50 -9.71 -6.01
CA ASN A 456 17.63 -10.79 -5.04
C ASN A 456 17.43 -10.24 -3.63
N PRO A 457 16.65 -10.94 -2.79
CA PRO A 457 16.38 -10.41 -1.46
C PRO A 457 17.65 -10.32 -0.65
N PRO A 458 17.75 -9.35 0.27
CA PRO A 458 18.97 -9.21 1.06
C PRO A 458 19.22 -10.42 1.93
N GLU A 459 20.50 -10.77 2.09
CA GLU A 459 20.88 -11.91 2.91
C GLU A 459 20.81 -11.60 4.39
N GLN A 460 20.57 -10.36 4.79
CA GLN A 460 20.64 -9.94 6.18
C GLN A 460 19.29 -9.85 6.86
N LEU A 461 18.22 -10.31 6.21
CA LEU A 461 16.90 -10.29 6.86
C LEU A 461 16.86 -11.14 8.12
N PRO A 462 17.30 -12.40 8.13
CA PRO A 462 17.38 -13.12 9.40
C PRO A 462 18.33 -12.48 10.40
N ILE A 463 19.36 -11.79 9.93
CA ILE A 463 20.24 -11.06 10.85
C ILE A 463 19.49 -9.89 11.49
N VAL A 464 18.63 -9.22 10.70
CA VAL A 464 17.78 -8.18 11.28
C VAL A 464 16.84 -8.78 12.32
N LEU A 465 16.27 -9.95 12.01
CA LEU A 465 15.40 -10.62 12.98
C LEU A 465 16.16 -10.94 14.27
N GLN A 466 17.39 -11.42 14.13
CA GLN A 466 18.20 -11.76 15.30
C GLN A 466 18.54 -10.53 16.13
N VAL A 467 18.92 -9.43 15.47
CA VAL A 467 19.31 -8.23 16.19
C VAL A 467 18.11 -7.50 16.76
N LEU A 468 16.90 -7.79 16.27
CA LEU A 468 15.68 -7.28 16.91
C LEU A 468 15.51 -7.82 18.32
N LEU A 469 16.09 -8.98 18.63
CA LEU A 469 15.83 -9.63 19.91
C LEU A 469 16.38 -8.82 21.08
N SER A 470 17.62 -8.35 20.98
CA SER A 470 18.24 -7.61 22.07
C SER A 470 17.93 -6.12 21.93
N GLN A 471 18.45 -5.32 22.86
CA GLN A 471 18.18 -3.89 22.92
C GLN A 471 19.36 -3.04 22.50
N VAL A 472 20.53 -3.62 22.28
CA VAL A 472 21.72 -2.82 21.96
C VAL A 472 21.58 -2.16 20.60
N HIS A 473 21.00 -2.87 19.62
CA HIS A 473 20.77 -2.32 18.29
C HIS A 473 19.30 -2.45 17.88
N ARG A 474 18.38 -2.39 18.83
CA ARG A 474 16.97 -2.60 18.51
C ARG A 474 16.40 -1.44 17.72
N LEU A 475 16.74 -0.20 18.09
CA LEU A 475 16.16 0.95 17.41
C LEU A 475 16.62 1.03 15.96
N ARG A 476 17.91 0.78 15.72
CA ARG A 476 18.41 0.78 14.34
C ARG A 476 17.80 -0.36 13.54
N ALA A 477 17.65 -1.52 14.17
CA ALA A 477 17.04 -2.66 13.48
C ALA A 477 15.60 -2.35 13.09
N LEU A 478 14.84 -1.73 14.00
CA LEU A 478 13.46 -1.36 13.68
C LEU A 478 13.41 -0.30 12.59
N ASP A 479 14.34 0.65 12.61
CA ASP A 479 14.38 1.67 11.57
C ASP A 479 14.66 1.03 10.20
N LEU A 480 15.63 0.11 10.15
CA LEU A 480 15.94 -0.56 8.89
C LEU A 480 14.79 -1.44 8.43
N LEU A 481 14.11 -2.11 9.37
CA LEU A 481 12.98 -2.94 9.01
C LEU A 481 11.83 -2.10 8.46
N GLY A 482 11.60 -0.94 9.05
CA GLY A 482 10.58 -0.04 8.52
C GLY A 482 10.94 0.48 7.14
N ARG A 483 12.21 0.83 6.94
CA ARG A 483 12.65 1.27 5.62
C ARG A 483 12.48 0.16 4.58
N PHE A 484 12.74 -1.09 4.98
CA PHE A 484 12.57 -2.20 4.06
C PHE A 484 11.09 -2.44 3.75
N LEU A 485 10.24 -2.42 4.77
CA LEU A 485 8.80 -2.61 4.54
C LEU A 485 8.23 -1.47 3.71
N ASP A 486 8.87 -0.29 3.75
CA ASP A 486 8.43 0.82 2.92
C ASP A 486 8.55 0.53 1.43
N LEU A 487 9.41 -0.42 1.04
CA LEU A 487 9.67 -0.66 -0.37
C LEU A 487 8.41 -1.09 -1.10
N GLY A 488 7.61 -1.96 -0.50
CA GLY A 488 6.38 -2.40 -1.11
C GLY A 488 5.77 -3.63 -0.44
N PRO A 489 4.65 -4.10 -0.97
CA PRO A 489 4.02 -5.30 -0.40
C PRO A 489 4.89 -6.54 -0.47
N TRP A 490 5.74 -6.65 -1.50
CA TRP A 490 6.62 -7.81 -1.61
C TRP A 490 7.62 -7.86 -0.46
N ALA A 491 8.14 -6.69 -0.07
CA ALA A 491 9.07 -6.64 1.05
C ALA A 491 8.39 -7.06 2.36
N VAL A 492 7.16 -6.62 2.56
CA VAL A 492 6.43 -7.01 3.77
C VAL A 492 6.15 -8.51 3.77
N SER A 493 5.78 -9.06 2.60
CA SER A 493 5.57 -10.50 2.50
C SER A 493 6.84 -11.27 2.81
N LEU A 494 7.98 -10.80 2.29
CA LEU A 494 9.25 -11.44 2.59
C LEU A 494 9.56 -11.38 4.09
N ALA A 495 9.38 -10.21 4.70
CA ALA A 495 9.69 -10.06 6.12
C ALA A 495 8.80 -10.93 6.98
N LEU A 496 7.52 -11.04 6.63
CA LEU A 496 6.62 -11.92 7.37
C LEU A 496 6.98 -13.38 7.14
N SER A 497 7.46 -13.71 5.94
CA SER A 497 7.88 -15.09 5.67
C SER A 497 9.09 -15.48 6.50
N VAL A 498 10.03 -14.55 6.70
CA VAL A 498 11.18 -14.83 7.54
C VAL A 498 10.75 -15.12 8.97
N GLY A 499 9.64 -14.54 9.40
CA GLY A 499 9.12 -14.81 10.73
C GLY A 499 9.38 -13.68 11.71
N ILE A 500 9.21 -12.44 11.27
CA ILE A 500 9.33 -11.30 12.18
C ILE A 500 8.04 -11.01 12.93
N PHE A 501 6.92 -11.57 12.50
CA PHE A 501 5.62 -11.21 13.07
C PHE A 501 5.53 -11.48 14.56
N PRO A 502 5.87 -12.66 15.09
CA PRO A 502 5.76 -12.84 16.55
C PRO A 502 6.64 -11.89 17.34
N TYR A 503 7.83 -11.58 16.83
CA TYR A 503 8.74 -10.71 17.57
C TYR A 503 8.29 -9.26 17.53
N VAL A 504 7.81 -8.79 16.37
CA VAL A 504 7.26 -7.44 16.30
C VAL A 504 6.02 -7.34 17.16
N LEU A 505 5.22 -8.42 17.25
CA LEU A 505 4.06 -8.42 18.13
C LEU A 505 4.47 -8.35 19.59
N LYS A 506 5.51 -9.09 19.98
CA LYS A 506 5.99 -9.04 21.35
C LYS A 506 6.58 -7.67 21.69
N LEU A 507 7.16 -7.00 20.69
CA LEU A 507 7.74 -5.68 20.93
C LEU A 507 6.70 -4.66 21.40
N LEU A 508 5.41 -4.91 21.16
CA LEU A 508 4.38 -3.99 21.61
C LEU A 508 4.26 -3.94 23.12
N GLN A 509 4.81 -4.94 23.83
CA GLN A 509 4.76 -4.95 25.29
C GLN A 509 5.73 -3.96 25.91
N SER A 510 6.79 -3.58 25.20
CA SER A 510 7.78 -2.67 25.76
C SER A 510 7.19 -1.28 25.96
N SER A 511 7.62 -0.61 27.04
CA SER A 511 7.18 0.73 27.37
C SER A 511 8.14 1.80 26.91
N ALA A 512 9.18 1.43 26.15
CA ALA A 512 10.14 2.41 25.65
C ALA A 512 9.45 3.33 24.65
N ARG A 513 9.41 4.63 24.95
CA ARG A 513 8.67 5.57 24.13
C ARG A 513 9.32 5.81 22.78
N GLU A 514 10.62 5.54 22.63
CA GLU A 514 11.28 5.75 21.35
C GLU A 514 10.91 4.69 20.32
N LEU A 515 10.40 3.54 20.76
CA LEU A 515 10.03 2.49 19.82
C LEU A 515 8.68 2.71 19.16
N ARG A 516 7.87 3.64 19.68
CA ARG A 516 6.52 3.83 19.17
C ARG A 516 6.48 4.21 17.69
N PRO A 517 7.23 5.19 17.20
CA PRO A 517 7.13 5.52 15.76
C PRO A 517 7.55 4.37 14.85
N LEU A 518 8.67 3.71 15.16
CA LEU A 518 9.12 2.59 14.35
C LEU A 518 8.11 1.45 14.36
N LEU A 519 7.57 1.14 15.55
CA LEU A 519 6.62 0.04 15.66
C LEU A 519 5.31 0.35 14.93
N VAL A 520 4.81 1.58 15.04
CA VAL A 520 3.57 1.90 14.34
C VAL A 520 3.80 1.90 12.83
N PHE A 521 4.97 2.35 12.37
CA PHE A 521 5.27 2.28 10.95
C PHE A 521 5.26 0.83 10.45
N ILE A 522 5.97 -0.04 11.17
CA ILE A 522 6.07 -1.44 10.77
C ILE A 522 4.69 -2.10 10.80
N TRP A 523 3.91 -1.84 11.85
CA TRP A 523 2.60 -2.47 11.95
C TRP A 523 1.63 -1.93 10.92
N ALA A 524 1.73 -0.64 10.58
CA ALA A 524 0.90 -0.10 9.51
C ALA A 524 1.22 -0.77 8.18
N LYS A 525 2.51 -0.97 7.89
CA LYS A 525 2.87 -1.67 6.66
C LYS A 525 2.32 -3.10 6.67
N ILE A 526 2.49 -3.81 7.79
CA ILE A 526 2.06 -5.20 7.86
C ILE A 526 0.55 -5.30 7.70
N LEU A 527 -0.21 -4.43 8.39
CA LEU A 527 -1.67 -4.47 8.30
C LEU A 527 -2.16 -4.04 6.93
N ALA A 528 -1.47 -3.09 6.29
CA ALA A 528 -1.84 -2.70 4.92
C ALA A 528 -1.63 -3.87 3.97
N VAL A 529 -0.60 -4.66 4.19
CA VAL A 529 -0.37 -5.83 3.31
C VAL A 529 -1.31 -6.98 3.68
N ASP A 530 -1.28 -7.39 4.94
CA ASP A 530 -2.11 -8.50 5.41
C ASP A 530 -3.01 -8.01 6.54
N SER A 531 -4.32 -8.12 6.33
CA SER A 531 -5.30 -7.65 7.30
C SER A 531 -5.73 -8.73 8.30
N SER A 532 -5.22 -9.95 8.17
CA SER A 532 -5.57 -11.01 9.11
C SER A 532 -4.86 -10.87 10.45
N CYS A 533 -3.93 -9.93 10.57
CA CYS A 533 -3.20 -9.71 11.81
C CYS A 533 -4.04 -9.04 12.88
N GLN A 534 -5.27 -8.62 12.55
CA GLN A 534 -6.12 -7.97 13.53
C GLN A 534 -6.45 -8.89 14.69
N ALA A 535 -6.69 -10.18 14.42
CA ALA A 535 -6.98 -11.13 15.48
C ALA A 535 -5.80 -11.26 16.44
N ASP A 536 -4.59 -11.34 15.89
CA ASP A 536 -3.41 -11.45 16.73
C ASP A 536 -3.17 -10.17 17.53
N LEU A 537 -3.42 -9.02 16.92
CA LEU A 537 -3.26 -7.76 17.64
C LEU A 537 -4.25 -7.65 18.78
N VAL A 538 -5.50 -8.07 18.56
CA VAL A 538 -6.51 -8.02 19.62
C VAL A 538 -6.18 -9.03 20.72
N LYS A 539 -5.68 -10.21 20.34
CA LYS A 539 -5.36 -11.23 21.34
C LYS A 539 -4.26 -10.76 22.28
N ASP A 540 -3.23 -10.11 21.76
CA ASP A 540 -2.10 -9.69 22.57
C ASP A 540 -2.27 -8.30 23.17
N ASN A 541 -3.44 -7.68 23.00
CA ASN A 541 -3.74 -6.36 23.54
C ASN A 541 -2.77 -5.30 23.04
N GLY A 542 -2.35 -5.41 21.79
CA GLY A 542 -1.57 -4.35 21.17
C GLY A 542 -2.38 -3.13 20.79
N HIS A 543 -3.70 -3.29 20.68
CA HIS A 543 -4.55 -2.14 20.44
C HIS A 543 -4.49 -1.15 21.58
N LYS A 544 -4.20 -1.62 22.80
CA LYS A 544 -3.95 -0.70 23.91
C LYS A 544 -2.71 0.15 23.62
N TYR A 545 -1.66 -0.49 23.10
CA TYR A 545 -0.46 0.25 22.72
C TYR A 545 -0.76 1.29 21.64
N PHE A 546 -1.56 0.90 20.65
CA PHE A 546 -1.92 1.85 19.60
C PHE A 546 -2.78 3.00 20.12
N LEU A 547 -3.69 2.71 21.06
CA LEU A 547 -4.48 3.78 21.67
C LEU A 547 -3.58 4.72 22.44
N SER A 548 -2.59 4.18 23.16
CA SER A 548 -1.65 5.04 23.88
C SER A 548 -0.85 5.90 22.91
N VAL A 549 -0.51 5.34 21.74
CA VAL A 549 0.19 6.13 20.73
C VAL A 549 -0.70 7.25 20.21
N LEU A 550 -1.97 6.95 19.94
CA LEU A 550 -2.86 7.92 19.32
C LEU A 550 -3.29 9.04 20.28
N ALA A 551 -3.14 8.83 21.59
CA ALA A 551 -3.58 9.80 22.57
C ALA A 551 -2.47 10.72 23.05
N ASP A 552 -1.42 10.89 22.24
CA ASP A 552 -0.30 11.77 22.60
C ASP A 552 -0.23 12.94 21.64
N PRO A 553 -0.64 14.14 22.05
CA PRO A 553 -0.52 15.31 21.16
C PRO A 553 0.90 15.61 20.72
N TYR A 554 1.89 15.30 21.56
CA TYR A 554 3.28 15.59 21.22
C TYR A 554 3.80 14.74 20.07
N MET A 555 3.12 13.63 19.76
CA MET A 555 3.56 12.77 18.68
C MET A 555 3.38 13.46 17.33
N PRO A 556 4.27 13.24 16.37
CA PRO A 556 4.08 13.81 15.04
C PRO A 556 2.81 13.29 14.38
N ALA A 557 2.20 14.15 13.56
CA ALA A 557 0.90 13.83 12.98
C ALA A 557 0.97 12.63 12.04
N GLU A 558 2.11 12.43 11.37
CA GLU A 558 2.22 11.32 10.43
C GLU A 558 2.10 9.98 11.14
N HIS A 559 2.76 9.84 12.30
CA HIS A 559 2.63 8.59 13.04
C HIS A 559 1.26 8.45 13.67
N ARG A 560 0.61 9.57 14.01
CA ARG A 560 -0.75 9.49 14.54
C ARG A 560 -1.73 9.00 13.47
N THR A 561 -1.58 9.47 12.23
CA THR A 561 -2.44 8.94 11.17
C THR A 561 -2.06 7.50 10.83
N MET A 562 -0.78 7.14 10.98
CA MET A 562 -0.39 5.74 10.84
C MET A 562 -1.14 4.86 11.84
N THR A 563 -1.16 5.28 13.09
CA THR A 563 -1.86 4.51 14.12
C THR A 563 -3.37 4.52 13.90
N ALA A 564 -3.91 5.64 13.39
CA ALA A 564 -5.33 5.68 13.06
C ALA A 564 -5.67 4.66 11.98
N PHE A 565 -4.81 4.55 10.96
CA PHE A 565 -5.00 3.52 9.94
C PHE A 565 -4.92 2.12 10.54
N ILE A 566 -3.97 1.91 11.45
CA ILE A 566 -3.83 0.59 12.08
C ILE A 566 -5.10 0.24 12.84
N LEU A 567 -5.63 1.19 13.61
CA LEU A 567 -6.84 0.93 14.38
C LEU A 567 -8.04 0.74 13.47
N ALA A 568 -8.09 1.45 12.35
CA ALA A 568 -9.17 1.23 11.39
C ALA A 568 -9.12 -0.18 10.81
N VAL A 569 -7.91 -0.68 10.51
CA VAL A 569 -7.79 -2.02 9.98
C VAL A 569 -8.14 -3.06 11.05
N ILE A 570 -7.76 -2.81 12.30
CA ILE A 570 -8.05 -3.76 13.37
C ILE A 570 -9.54 -3.95 13.53
N VAL A 571 -10.31 -2.85 13.52
CA VAL A 571 -11.75 -2.91 13.73
C VAL A 571 -12.53 -3.18 12.46
N ASN A 572 -11.85 -3.40 11.33
CA ASN A 572 -12.53 -3.57 10.05
C ASN A 572 -13.25 -4.92 10.01
N SER A 573 -14.58 -4.88 10.15
CA SER A 573 -15.43 -6.07 10.06
C SER A 573 -14.93 -7.17 11.01
N TYR A 574 -14.75 -6.80 12.28
CA TYR A 574 -14.21 -7.73 13.28
C TYR A 574 -14.83 -7.36 14.62
N HIS A 575 -15.88 -8.11 15.01
CA HIS A 575 -16.64 -7.74 16.20
C HIS A 575 -15.78 -7.77 17.46
N THR A 576 -14.86 -8.72 17.55
CA THR A 576 -13.98 -8.78 18.72
C THR A 576 -13.13 -7.53 18.82
N GLY A 577 -12.51 -7.12 17.71
CA GLY A 577 -11.70 -5.92 17.71
C GLY A 577 -12.52 -4.66 17.95
N GLN A 578 -13.72 -4.60 17.37
CA GLN A 578 -14.60 -3.45 17.58
C GLN A 578 -14.97 -3.32 19.05
N GLU A 579 -15.30 -4.43 19.70
CA GLU A 579 -15.63 -4.39 21.13
C GLU A 579 -14.41 -4.01 21.96
N ALA A 580 -13.24 -4.56 21.62
CA ALA A 580 -12.03 -4.25 22.37
C ALA A 580 -11.68 -2.77 22.27
N CYS A 581 -11.81 -2.20 21.08
CA CYS A 581 -11.53 -0.78 20.92
C CYS A 581 -12.61 0.10 21.52
N LEU A 582 -13.86 -0.38 21.55
CA LEU A 582 -14.91 0.35 22.26
C LEU A 582 -14.60 0.43 23.75
N GLN A 583 -14.20 -0.68 24.35
CA GLN A 583 -13.81 -0.66 25.76
C GLN A 583 -12.53 0.10 26.00
N GLY A 584 -11.76 0.42 24.95
CA GLY A 584 -10.60 1.25 25.03
C GLY A 584 -10.85 2.72 24.82
N ASN A 585 -12.13 3.12 24.72
CA ASN A 585 -12.51 4.52 24.52
C ASN A 585 -11.91 5.10 23.24
N LEU A 586 -11.93 4.30 22.17
CA LEU A 586 -11.42 4.76 20.89
C LEU A 586 -12.26 5.89 20.31
N ILE A 587 -13.57 5.89 20.58
CA ILE A 587 -14.45 6.94 20.07
C ILE A 587 -13.98 8.30 20.55
N ALA A 588 -13.73 8.43 21.86
CA ALA A 588 -13.30 9.71 22.40
C ALA A 588 -11.93 10.11 21.87
N ILE A 589 -11.02 9.13 21.74
CA ILE A 589 -9.67 9.43 21.23
C ILE A 589 -9.76 9.97 19.81
N CYS A 590 -10.59 9.35 18.96
CA CYS A 590 -10.78 9.84 17.61
C CYS A 590 -11.42 11.22 17.59
N LEU A 591 -12.41 11.45 18.47
CA LEU A 591 -13.09 12.74 18.48
C LEU A 591 -12.14 13.86 18.89
N GLU A 592 -11.26 13.61 19.86
CA GLU A 592 -10.32 14.65 20.26
C GLU A 592 -9.36 15.00 19.14
N GLN A 593 -9.07 14.05 18.25
CA GLN A 593 -8.17 14.25 17.12
C GLN A 593 -8.92 14.27 15.79
N LEU A 594 -10.09 14.90 15.78
CA LEU A 594 -10.90 15.03 14.58
C LEU A 594 -10.68 16.36 13.86
N ASN A 595 -10.48 17.44 14.60
CA ASN A 595 -10.23 18.76 14.03
C ASN A 595 -8.75 19.06 13.88
N ASP A 596 -7.91 18.03 13.81
CA ASP A 596 -6.49 18.24 13.67
C ASP A 596 -6.15 18.82 12.31
N PRO A 597 -5.21 19.76 12.22
CA PRO A 597 -4.84 20.35 10.91
C PRO A 597 -3.98 19.42 10.08
N HIS A 598 -4.55 18.28 9.70
CA HIS A 598 -3.87 17.29 8.87
C HIS A 598 -4.91 16.49 8.08
N PRO A 599 -4.90 16.59 6.75
CA PRO A 599 -5.98 15.95 5.97
C PRO A 599 -6.05 14.44 6.13
N LEU A 600 -4.91 13.75 6.08
CA LEU A 600 -4.93 12.30 6.15
C LEU A 600 -5.29 11.82 7.54
N LEU A 601 -4.84 12.53 8.57
CA LEU A 601 -5.23 12.18 9.94
C LEU A 601 -6.73 12.28 10.13
N ARG A 602 -7.34 13.37 9.66
CA ARG A 602 -8.79 13.52 9.77
C ARG A 602 -9.50 12.45 8.97
N GLN A 603 -9.02 12.16 7.76
CA GLN A 603 -9.65 11.14 6.92
C GLN A 603 -9.64 9.78 7.61
N TRP A 604 -8.49 9.37 8.13
CA TRP A 604 -8.42 8.04 8.73
C TRP A 604 -9.08 7.98 10.09
N VAL A 605 -9.11 9.09 10.83
CA VAL A 605 -9.91 9.12 12.06
C VAL A 605 -11.38 8.94 11.74
N ALA A 606 -11.86 9.61 10.69
CA ALA A 606 -13.26 9.45 10.28
C ALA A 606 -13.54 8.02 9.83
N ILE A 607 -12.61 7.42 9.07
CA ILE A 607 -12.82 6.05 8.63
C ILE A 607 -12.83 5.08 9.81
N CYS A 608 -11.95 5.30 10.79
CA CYS A 608 -11.94 4.46 11.98
C CYS A 608 -13.22 4.62 12.77
N LEU A 609 -13.73 5.85 12.89
CA LEU A 609 -15.01 6.07 13.54
C LEU A 609 -16.12 5.33 12.80
N GLY A 610 -16.11 5.38 11.48
CA GLY A 610 -17.13 4.68 10.71
C GLY A 610 -17.07 3.17 10.89
N ARG A 611 -15.85 2.63 10.94
CA ARG A 611 -15.70 1.18 11.09
C ARG A 611 -15.95 0.71 12.52
N ILE A 612 -15.83 1.59 13.50
CA ILE A 612 -16.08 1.19 14.89
C ILE A 612 -17.55 0.85 15.08
N TRP A 613 -18.45 1.73 14.64
CA TRP A 613 -19.88 1.52 14.82
C TRP A 613 -20.53 0.88 13.60
N GLN A 614 -19.81 0.02 12.89
CA GLN A 614 -20.37 -0.74 11.78
C GLN A 614 -21.04 -1.99 12.33
N ASN A 615 -22.37 -2.01 12.32
CA ASN A 615 -23.15 -3.09 12.91
C ASN A 615 -22.78 -3.30 14.38
N PHE A 616 -22.74 -2.19 15.12
CA PHE A 616 -22.35 -2.23 16.53
C PHE A 616 -23.17 -1.16 17.26
N ASP A 617 -24.24 -1.61 17.92
CA ASP A 617 -25.16 -0.66 18.56
C ASP A 617 -24.53 0.02 19.76
N SER A 618 -23.69 -0.68 20.52
CA SER A 618 -23.03 -0.06 21.67
C SER A 618 -22.09 1.06 21.22
N ALA A 619 -21.38 0.84 20.11
CA ALA A 619 -20.52 1.91 19.59
C ALA A 619 -21.34 3.10 19.13
N ARG A 620 -22.49 2.86 18.49
CA ARG A 620 -23.37 3.96 18.11
C ARG A 620 -23.87 4.71 19.33
N TRP A 621 -24.23 3.99 20.40
CA TRP A 621 -24.66 4.65 21.63
C TRP A 621 -23.54 5.49 22.22
N CYS A 622 -22.32 4.97 22.21
CA CYS A 622 -21.17 5.74 22.71
C CYS A 622 -20.96 7.00 21.87
N GLY A 623 -21.13 6.89 20.55
CA GLY A 623 -21.04 8.07 19.71
C GLY A 623 -22.14 9.07 20.00
N VAL A 624 -23.35 8.59 20.28
CA VAL A 624 -24.47 9.48 20.60
C VAL A 624 -24.21 10.22 21.90
N ARG A 625 -23.72 9.50 22.92
CA ARG A 625 -23.41 10.16 24.19
C ARG A 625 -22.31 11.20 24.01
N ASP A 626 -21.32 10.89 23.20
CA ASP A 626 -20.23 11.83 22.91
C ASP A 626 -20.59 12.86 21.86
N SER A 627 -21.83 12.82 21.33
CA SER A 627 -22.25 13.71 20.27
C SER A 627 -21.33 13.61 19.07
N ALA A 628 -21.01 12.36 18.69
CA ALA A 628 -20.05 12.12 17.62
C ALA A 628 -20.57 12.62 16.28
N HIS A 629 -21.86 12.45 16.01
CA HIS A 629 -22.41 12.90 14.74
C HIS A 629 -22.34 14.42 14.60
N GLU A 630 -22.67 15.15 15.67
CA GLU A 630 -22.62 16.61 15.60
C GLU A 630 -21.19 17.10 15.38
N LYS A 631 -20.22 16.46 16.02
CA LYS A 631 -18.82 16.84 15.84
C LYS A 631 -18.30 16.43 14.47
N LEU A 632 -18.84 15.34 13.92
CA LEU A 632 -18.43 14.86 12.60
C LEU A 632 -19.07 15.67 11.47
N TYR A 633 -20.15 16.39 11.76
CA TYR A 633 -20.75 17.25 10.75
C TYR A 633 -19.76 18.27 10.20
N SER A 634 -18.75 18.65 11.00
CA SER A 634 -17.81 19.68 10.57
C SER A 634 -16.99 19.23 9.37
N LEU A 635 -16.68 17.93 9.28
CA LEU A 635 -15.86 17.43 8.19
C LEU A 635 -16.60 17.43 6.86
N LEU A 636 -17.92 17.57 6.87
CA LEU A 636 -18.67 17.61 5.61
C LEU A 636 -18.37 18.86 4.80
N SER A 637 -17.83 19.91 5.42
CA SER A 637 -17.42 21.12 4.73
C SER A 637 -15.91 21.23 4.59
N ASP A 638 -15.19 20.15 4.85
CA ASP A 638 -13.72 20.18 4.76
C ASP A 638 -13.32 20.37 3.31
N PRO A 639 -12.39 21.29 3.02
CA PRO A 639 -11.96 21.49 1.62
C PRO A 639 -11.43 20.24 0.94
N ILE A 640 -10.76 19.35 1.67
CA ILE A 640 -10.20 18.15 1.08
C ILE A 640 -11.33 17.17 0.76
N PRO A 641 -11.49 16.77 -0.51
CA PRO A 641 -12.57 15.83 -0.84
C PRO A 641 -12.46 14.48 -0.16
N GLU A 642 -11.23 14.01 0.11
CA GLU A 642 -11.05 12.71 0.75
C GLU A 642 -11.66 12.71 2.15
N VAL A 643 -11.45 13.78 2.91
CA VAL A 643 -12.00 13.85 4.25
C VAL A 643 -13.53 13.94 4.20
N ARG A 644 -14.07 14.66 3.21
CA ARG A 644 -15.52 14.69 3.05
C ARG A 644 -16.07 13.30 2.76
N CYS A 645 -15.40 12.55 1.88
CA CYS A 645 -15.86 11.20 1.57
C CYS A 645 -15.79 10.30 2.80
N ALA A 646 -14.70 10.41 3.58
CA ALA A 646 -14.59 9.62 4.80
C ALA A 646 -15.68 9.98 5.81
N ALA A 647 -15.97 11.27 5.95
CA ALA A 647 -17.03 11.71 6.85
C ALA A 647 -18.39 11.18 6.41
N VAL A 648 -18.66 11.21 5.09
CA VAL A 648 -19.92 10.68 4.58
C VAL A 648 -20.01 9.18 4.85
N PHE A 649 -18.91 8.46 4.65
CA PHE A 649 -18.89 7.04 4.95
C PHE A 649 -19.19 6.77 6.42
N ALA A 650 -18.55 7.54 7.30
CA ALA A 650 -18.76 7.36 8.74
C ALA A 650 -20.19 7.65 9.14
N LEU A 651 -20.76 8.74 8.61
CA LEU A 651 -22.14 9.08 8.92
C LEU A 651 -23.11 8.03 8.41
N GLY A 652 -22.90 7.54 7.19
CA GLY A 652 -23.77 6.51 6.66
C GLY A 652 -23.70 5.22 7.46
N THR A 653 -22.49 4.82 7.86
CA THR A 653 -22.37 3.62 8.70
C THR A 653 -23.02 3.84 10.06
N PHE A 654 -22.89 5.04 10.62
CA PHE A 654 -23.55 5.37 11.88
C PHE A 654 -25.05 5.28 11.75
N VAL A 655 -25.59 5.68 10.59
CA VAL A 655 -27.02 5.56 10.35
C VAL A 655 -27.44 4.10 10.21
N GLY A 656 -26.61 3.30 9.56
CA GLY A 656 -27.02 1.97 9.12
C GLY A 656 -27.27 0.97 10.24
N ASN A 657 -26.97 1.31 11.49
CA ASN A 657 -27.15 0.36 12.58
C ASN A 657 -28.10 0.89 13.66
N SER A 658 -29.26 1.41 13.24
CA SER A 658 -30.24 1.88 14.22
C SER A 658 -30.83 0.71 15.01
N ALA A 659 -31.26 -0.34 14.31
CA ALA A 659 -31.81 -1.55 14.94
C ALA A 659 -33.01 -1.24 15.85
N GLU A 660 -33.85 -0.31 15.41
CA GLU A 660 -35.15 -0.03 16.03
C GLU A 660 -35.00 0.34 17.51
N ARG A 661 -34.34 1.47 17.75
CA ARG A 661 -34.21 2.01 19.10
C ARG A 661 -35.33 3.00 19.37
N THR A 662 -35.20 3.78 20.46
CA THR A 662 -36.25 4.70 20.86
C THR A 662 -36.40 5.83 19.84
N ASP A 663 -37.37 6.71 20.11
CA ASP A 663 -37.63 7.83 19.21
C ASP A 663 -36.44 8.76 19.08
N HIS A 664 -35.54 8.77 20.07
CA HIS A 664 -34.33 9.58 19.95
C HIS A 664 -33.47 9.08 18.79
N SER A 665 -33.42 7.75 18.59
CA SER A 665 -32.68 7.21 17.46
C SER A 665 -33.29 7.65 16.13
N THR A 666 -34.63 7.65 16.04
CA THR A 666 -35.28 8.12 14.82
C THR A 666 -34.97 9.59 14.58
N THR A 667 -35.02 10.40 15.63
CA THR A 667 -34.74 11.83 15.49
C THR A 667 -33.29 12.06 15.06
N ILE A 668 -32.35 11.32 15.63
CA ILE A 668 -30.94 11.51 15.26
C ILE A 668 -30.68 11.01 13.85
N ASP A 669 -31.36 9.93 13.43
CA ASP A 669 -31.24 9.48 12.04
C ASP A 669 -31.79 10.53 11.08
N HIS A 670 -32.92 11.14 11.42
CA HIS A 670 -33.46 12.21 10.59
C HIS A 670 -32.52 13.40 10.53
N ASN A 671 -31.88 13.72 11.66
CA ASN A 671 -30.92 14.83 11.69
C ASN A 671 -29.74 14.55 10.78
N VAL A 672 -29.17 13.34 10.86
CA VAL A 672 -28.04 12.99 10.01
C VAL A 672 -28.46 12.97 8.55
N ALA A 673 -29.68 12.48 8.28
CA ALA A 673 -30.17 12.46 6.90
C ALA A 673 -30.32 13.86 6.33
N MET A 674 -30.88 14.79 7.11
CA MET A 674 -31.04 16.15 6.62
C MET A 674 -29.70 16.89 6.55
N MET A 675 -28.71 16.48 7.34
CA MET A 675 -27.38 17.08 7.20
C MET A 675 -26.66 16.55 5.96
N LEU A 676 -26.87 15.28 5.61
CA LEU A 676 -26.28 14.73 4.39
C LEU A 676 -27.05 15.14 3.14
N ALA A 677 -28.32 15.50 3.26
CA ALA A 677 -29.14 15.83 2.10
C ALA A 677 -28.81 17.20 1.50
N GLN A 678 -28.02 18.02 2.19
CA GLN A 678 -27.54 19.27 1.63
C GLN A 678 -26.19 19.12 0.94
N LEU A 679 -25.69 17.90 0.81
CA LEU A 679 -24.40 17.61 0.19
C LEU A 679 -24.54 17.13 -1.25
N VAL A 680 -25.75 17.21 -1.82
CA VAL A 680 -25.95 16.76 -3.20
C VAL A 680 -25.14 17.63 -4.15
N SER A 681 -25.18 18.94 -3.96
CA SER A 681 -24.44 19.88 -4.81
C SER A 681 -22.96 19.81 -4.44
N ASP A 682 -22.35 18.69 -4.81
CA ASP A 682 -20.94 18.43 -4.51
C ASP A 682 -20.21 18.15 -5.81
N GLY A 683 -19.00 18.70 -5.92
CA GLY A 683 -18.21 18.52 -7.12
C GLY A 683 -17.66 17.12 -7.27
N SER A 684 -17.26 16.51 -6.16
CA SER A 684 -16.56 15.23 -6.21
C SER A 684 -17.55 14.09 -6.48
N PRO A 685 -17.39 13.34 -7.58
CA PRO A 685 -18.26 12.17 -7.78
C PRO A 685 -18.05 11.08 -6.75
N MET A 686 -16.83 10.95 -6.20
CA MET A 686 -16.58 9.95 -5.16
C MET A 686 -17.40 10.23 -3.92
N VAL A 687 -17.43 11.49 -3.49
CA VAL A 687 -18.21 11.86 -2.31
C VAL A 687 -19.70 11.66 -2.57
N ARG A 688 -20.16 11.92 -3.80
CA ARG A 688 -21.56 11.67 -4.12
C ARG A 688 -21.88 10.19 -4.12
N LYS A 689 -20.96 9.34 -4.58
CA LYS A 689 -21.19 7.90 -4.52
C LYS A 689 -21.28 7.43 -3.07
N GLU A 690 -20.40 7.94 -2.21
CA GLU A 690 -20.49 7.59 -0.80
C GLU A 690 -21.79 8.12 -0.18
N LEU A 691 -22.26 9.28 -0.66
CA LEU A 691 -23.57 9.78 -0.23
C LEU A 691 -24.68 8.83 -0.66
N VAL A 692 -24.58 8.28 -1.87
CA VAL A 692 -25.57 7.30 -2.33
C VAL A 692 -25.54 6.06 -1.45
N VAL A 693 -24.35 5.61 -1.07
CA VAL A 693 -24.24 4.45 -0.18
C VAL A 693 -24.86 4.74 1.18
N ALA A 694 -24.59 5.94 1.72
CA ALA A 694 -25.19 6.33 3.00
C ALA A 694 -26.72 6.38 2.90
N LEU A 695 -27.23 6.92 1.78
CA LEU A 695 -28.68 6.95 1.58
C LEU A 695 -29.25 5.55 1.42
N SER A 696 -28.48 4.62 0.85
CA SER A 696 -28.93 3.23 0.78
C SER A 696 -29.00 2.61 2.17
N HIS A 697 -28.06 2.94 3.04
CA HIS A 697 -28.15 2.52 4.44
C HIS A 697 -29.41 3.08 5.09
N LEU A 698 -29.68 4.37 4.85
CA LEU A 698 -30.91 4.98 5.33
C LEU A 698 -32.14 4.23 4.83
N VAL A 699 -32.15 3.87 3.55
CA VAL A 699 -33.29 3.17 2.96
C VAL A 699 -33.47 1.82 3.61
N VAL A 700 -32.38 1.08 3.80
CA VAL A 700 -32.45 -0.23 4.46
C VAL A 700 -33.01 -0.08 5.86
N GLN A 701 -32.60 0.97 6.58
CA GLN A 701 -33.11 1.19 7.92
C GLN A 701 -34.61 1.49 7.92
N TYR A 702 -35.10 2.15 6.87
CA TYR A 702 -36.48 2.63 6.81
C TYR A 702 -37.15 2.16 5.52
N GLU A 703 -37.08 0.86 5.25
CA GLU A 703 -37.58 0.33 3.99
C GLU A 703 -39.08 0.56 3.82
N SER A 704 -39.86 0.34 4.89
CA SER A 704 -41.31 0.47 4.79
C SER A 704 -41.71 1.92 4.52
N ASN A 705 -41.07 2.88 5.19
CA ASN A 705 -41.40 4.28 4.97
C ASN A 705 -41.06 4.71 3.55
N PHE A 706 -39.91 4.26 3.03
CA PHE A 706 -39.56 4.58 1.65
C PHE A 706 -40.52 3.93 0.66
N CYS A 707 -40.97 2.70 0.94
CA CYS A 707 -41.96 2.07 0.08
C CYS A 707 -43.25 2.87 0.05
N THR A 708 -43.72 3.32 1.22
CA THR A 708 -44.93 4.14 1.27
C THR A 708 -44.74 5.46 0.51
N VAL A 709 -43.57 6.08 0.66
CA VAL A 709 -43.29 7.34 -0.03
C VAL A 709 -43.29 7.12 -1.54
N ALA A 710 -42.66 6.05 -2.01
CA ALA A 710 -42.64 5.77 -3.44
C ALA A 710 -44.04 5.48 -3.97
N LEU A 711 -44.84 4.72 -3.22
CA LEU A 711 -46.19 4.40 -3.66
C LEU A 711 -47.13 5.61 -3.59
N GLN A 712 -46.78 6.63 -2.80
CA GLN A 712 -47.63 7.81 -2.71
C GLN A 712 -47.73 8.54 -4.05
N PHE A 713 -46.60 8.68 -4.75
CA PHE A 713 -46.55 9.49 -5.96
C PHE A 713 -46.80 8.70 -7.24
N ILE A 714 -47.04 7.39 -7.15
CA ILE A 714 -47.32 6.60 -8.33
C ILE A 714 -48.79 6.71 -8.70
N SER A 834 -42.41 14.47 6.24
CA SER A 834 -41.95 14.69 4.88
C SER A 834 -40.43 14.65 4.79
N VAL A 835 -39.82 13.77 5.57
CA VAL A 835 -38.37 13.64 5.58
C VAL A 835 -37.89 12.62 4.55
N TYR A 836 -38.60 11.50 4.43
CA TYR A 836 -38.20 10.49 3.45
C TYR A 836 -38.40 10.98 2.02
N THR A 837 -39.37 11.86 1.79
CA THR A 837 -39.57 12.43 0.46
C THR A 837 -38.36 13.24 0.03
N GLN A 838 -37.77 14.00 0.96
CA GLN A 838 -36.59 14.78 0.62
C GLN A 838 -35.41 13.88 0.27
N ILE A 839 -35.25 12.77 0.99
CA ILE A 839 -34.20 11.82 0.66
C ILE A 839 -34.47 11.17 -0.70
N TRP A 840 -35.73 10.90 -1.01
CA TRP A 840 -36.06 10.35 -2.32
C TRP A 840 -35.74 11.35 -3.43
N ARG A 841 -36.03 12.63 -3.20
CA ARG A 841 -35.65 13.66 -4.17
C ARG A 841 -34.14 13.73 -4.34
N VAL A 842 -33.40 13.62 -3.24
CA VAL A 842 -31.94 13.62 -3.31
C VAL A 842 -31.44 12.44 -4.14
N LEU A 843 -32.00 11.26 -3.90
CA LEU A 843 -31.59 10.08 -4.67
C LEU A 843 -31.96 10.23 -6.15
N LEU A 844 -33.10 10.84 -6.45
CA LEU A 844 -33.45 11.11 -7.84
C LEU A 844 -32.47 12.07 -8.48
N HIS A 845 -32.03 13.09 -7.74
CA HIS A 845 -30.98 13.97 -8.24
C HIS A 845 -29.71 13.20 -8.53
N LEU A 846 -29.33 12.30 -7.62
CA LEU A 846 -28.12 11.49 -7.80
C LEU A 846 -28.28 10.47 -8.92
N ALA A 847 -29.51 10.11 -9.29
CA ALA A 847 -29.72 9.17 -10.38
C ALA A 847 -29.42 9.81 -11.73
N ALA A 848 -29.88 11.05 -11.93
CA ALA A 848 -29.59 11.78 -13.15
C ALA A 848 -28.27 12.54 -13.02
N ASP A 849 -27.22 11.83 -12.62
CA ASP A 849 -25.89 12.39 -12.38
C ASP A 849 -25.04 12.30 -13.65
N PRO A 850 -24.27 13.35 -13.94
CA PRO A 850 -23.38 13.30 -15.10
C PRO A 850 -22.39 12.14 -15.05
N TYR A 851 -21.88 11.82 -13.88
CA TYR A 851 -20.90 10.73 -13.76
C TYR A 851 -21.62 9.39 -13.91
N PRO A 852 -21.19 8.53 -14.84
CA PRO A 852 -21.94 7.28 -15.07
C PRO A 852 -21.97 6.35 -13.86
N GLU A 853 -20.89 6.29 -13.09
CA GLU A 853 -20.84 5.33 -11.99
C GLU A 853 -21.78 5.73 -10.86
N VAL A 854 -21.79 7.02 -10.50
CA VAL A 854 -22.71 7.51 -9.48
C VAL A 854 -24.14 7.31 -9.93
N SER A 855 -24.42 7.58 -11.21
CA SER A 855 -25.78 7.40 -11.72
C SER A 855 -26.20 5.93 -11.66
N ASP A 856 -25.29 5.01 -12.02
CA ASP A 856 -25.63 3.59 -11.96
C ASP A 856 -25.88 3.14 -10.53
N VAL A 857 -25.05 3.57 -9.58
CA VAL A 857 -25.25 3.18 -8.19
C VAL A 857 -26.57 3.72 -7.67
N ALA A 858 -26.88 4.99 -7.97
CA ALA A 858 -28.14 5.57 -7.52
C ALA A 858 -29.34 4.87 -8.15
N MET A 859 -29.23 4.53 -9.43
CA MET A 859 -30.32 3.81 -10.10
C MET A 859 -30.54 2.43 -9.48
N LYS A 860 -29.45 1.71 -9.17
CA LYS A 860 -29.58 0.42 -8.53
C LYS A 860 -30.23 0.56 -7.14
N VAL A 861 -29.82 1.57 -6.38
CA VAL A 861 -30.42 1.79 -5.07
C VAL A 861 -31.91 2.10 -5.21
N LEU A 862 -32.28 2.92 -6.18
CA LEU A 862 -33.69 3.25 -6.38
C LEU A 862 -34.50 2.05 -6.83
N ASN A 863 -33.94 1.22 -7.72
CA ASN A 863 -34.64 0.03 -8.16
C ASN A 863 -34.80 -0.99 -7.04
N SER A 864 -33.85 -1.02 -6.09
CA SER A 864 -34.00 -1.90 -4.94
C SER A 864 -35.20 -1.53 -4.07
N ILE A 865 -35.70 -0.30 -4.19
CA ILE A 865 -36.80 0.16 -3.34
C ILE A 865 -38.16 -0.20 -3.96
N ALA A 866 -38.27 -0.09 -5.28
CA ALA A 866 -39.58 -0.25 -5.92
C ALA A 866 -40.16 -1.65 -5.70
N TYR A 867 -39.33 -2.68 -5.85
CA TYR A 867 -39.81 -4.05 -5.73
C TYR A 867 -39.79 -4.54 -4.29
N LYS A 868 -40.37 -3.76 -3.39
CA LYS A 868 -40.46 -4.12 -1.97
C LYS A 868 -41.74 -3.57 -1.35
N PHE A 978 -32.82 -9.53 -1.33
CA PHE A 978 -33.10 -8.30 -0.60
C PHE A 978 -31.82 -7.70 -0.04
N ILE A 979 -31.10 -8.50 0.76
CA ILE A 979 -29.83 -8.05 1.32
C ILE A 979 -28.78 -7.89 0.22
N SER A 980 -28.92 -8.64 -0.88
CA SER A 980 -27.95 -8.55 -1.97
C SER A 980 -27.94 -7.17 -2.62
N ALA A 981 -28.98 -6.37 -2.42
CA ALA A 981 -29.02 -5.02 -2.97
C ALA A 981 -28.06 -4.07 -2.26
N THR A 982 -27.53 -4.45 -1.10
CA THR A 982 -26.58 -3.60 -0.40
C THR A 982 -25.24 -3.61 -1.12
N VAL A 983 -24.70 -2.42 -1.37
CA VAL A 983 -23.46 -2.26 -2.12
C VAL A 983 -22.50 -1.41 -1.30
N GLN A 984 -21.25 -1.86 -1.21
CA GLN A 984 -20.19 -1.16 -0.49
C GLN A 984 -19.15 -0.66 -1.49
N THR A 985 -18.85 0.64 -1.41
CA THR A 985 -17.87 1.23 -2.31
C THR A 985 -16.45 0.87 -1.88
N GLY A 986 -15.52 1.06 -2.79
CA GLY A 986 -14.13 0.71 -2.54
C GLY A 986 -13.28 1.86 -2.05
N PHE A 987 -13.92 2.92 -1.55
CA PHE A 987 -13.17 4.10 -1.10
C PHE A 987 -12.25 3.76 0.07
N CYS A 988 -12.75 2.98 1.04
CA CYS A 988 -11.95 2.71 2.23
C CYS A 988 -10.70 1.90 1.88
N ASP A 989 -10.85 0.87 1.05
CA ASP A 989 -9.69 0.07 0.66
C ASP A 989 -8.76 0.87 -0.26
N TRP A 990 -9.31 1.74 -1.10
CA TRP A 990 -8.48 2.59 -1.92
C TRP A 990 -7.63 3.53 -1.06
N SER A 991 -8.23 4.08 -0.01
CA SER A 991 -7.46 4.89 0.94
C SER A 991 -6.41 4.06 1.66
N ALA A 992 -6.78 2.83 2.05
CA ALA A 992 -5.82 1.95 2.72
C ALA A 992 -4.66 1.57 1.80
N ARG A 993 -4.88 1.63 0.48
CA ARG A 993 -3.80 1.35 -0.46
C ARG A 993 -2.65 2.33 -0.32
N TYR A 994 -2.91 3.51 0.26
CA TYR A 994 -1.85 4.51 0.41
C TYR A 994 -0.69 3.98 1.23
N PHE A 995 -0.99 3.27 2.32
CA PHE A 995 0.07 2.78 3.20
C PHE A 995 0.81 1.59 2.61
N ALA A 996 0.29 0.99 1.54
CA ALA A 996 1.04 -0.04 0.82
C ALA A 996 2.13 0.57 -0.06
N GLN A 997 1.88 1.75 -0.63
CA GLN A 997 2.86 2.41 -1.47
C GLN A 997 3.98 3.01 -0.62
N PRO A 998 5.18 3.11 -1.18
CA PRO A 998 6.28 3.75 -0.45
C PRO A 998 5.99 5.21 -0.16
N VAL A 999 6.43 5.67 1.01
CA VAL A 999 6.24 7.05 1.44
C VAL A 999 7.56 7.78 1.61
N MET A 1000 8.61 7.09 2.07
CA MET A 1000 9.86 7.76 2.41
C MET A 1000 10.54 8.34 1.18
N LYS A 1001 10.53 7.63 0.06
CA LYS A 1001 11.33 8.04 -1.09
C LYS A 1001 10.77 9.31 -1.72
N ILE A 1002 11.66 10.00 -2.44
CA ILE A 1002 11.31 11.28 -3.07
C ILE A 1002 10.28 11.05 -4.17
N PRO A 1003 9.26 11.90 -4.30
CA PRO A 1003 8.29 11.73 -5.39
C PRO A 1003 8.94 11.92 -6.76
N GLU A 1004 8.33 11.28 -7.75
CA GLU A 1004 8.88 11.31 -9.11
C GLU A 1004 8.89 12.72 -9.69
N GLU A 1005 7.95 13.57 -9.28
CA GLU A 1005 7.90 14.93 -9.82
C GLU A 1005 9.15 15.72 -9.43
N HIS A 1006 9.62 15.56 -8.19
CA HIS A 1006 10.80 16.29 -7.74
C HIS A 1006 12.07 15.80 -8.43
N ASP A 1007 12.03 14.65 -9.08
CA ASP A 1007 13.21 14.11 -9.77
C ASP A 1007 13.51 14.98 -11.00
N LEU A 1008 14.67 15.64 -10.99
CA LEU A 1008 15.01 16.55 -12.07
C LEU A 1008 15.32 15.82 -13.37
N GLU A 1009 15.96 14.65 -13.29
CA GLU A 1009 16.34 13.89 -14.47
C GLU A 1009 15.30 12.86 -14.87
N SER A 1010 14.12 12.89 -14.24
CA SER A 1010 13.06 11.95 -14.60
C SER A 1010 12.54 12.24 -16.00
N GLN A 1011 12.01 11.19 -16.64
CA GLN A 1011 11.46 11.33 -17.98
C GLN A 1011 10.24 12.25 -18.00
N ILE A 1012 9.40 12.16 -16.97
CA ILE A 1012 8.18 12.97 -16.92
C ILE A 1012 8.53 14.45 -16.87
N ARG A 1013 9.49 14.82 -16.04
CA ARG A 1013 9.86 16.24 -15.94
C ARG A 1013 10.51 16.74 -17.22
N LYS A 1014 11.30 15.88 -17.88
CA LYS A 1014 11.89 16.28 -19.15
C LYS A 1014 10.82 16.49 -20.21
N GLU A 1015 9.81 15.61 -20.24
CA GLU A 1015 8.69 15.81 -21.16
C GLU A 1015 7.94 17.10 -20.87
N ARG A 1016 7.71 17.39 -19.59
CA ARG A 1016 7.04 18.64 -19.23
C ARG A 1016 7.88 19.85 -19.62
N GLU A 1017 9.20 19.75 -19.45
CA GLU A 1017 10.09 20.84 -19.83
C GLU A 1017 10.05 21.07 -21.34
N TRP A 1018 10.02 19.99 -22.12
CA TRP A 1018 9.90 20.14 -23.57
C TRP A 1018 8.57 20.77 -23.94
N ARG A 1019 7.49 20.36 -23.27
CA ARG A 1019 6.19 20.96 -23.54
C ARG A 1019 6.18 22.45 -23.22
N PHE A 1020 6.78 22.84 -22.10
CA PHE A 1020 6.82 24.25 -21.73
C PHE A 1020 7.70 25.05 -22.69
N LEU A 1021 8.80 24.44 -23.16
CA LEU A 1021 9.62 25.08 -24.18
C LEU A 1021 8.82 25.30 -25.46
N ARG A 1022 8.03 24.30 -25.86
CA ARG A 1022 7.18 24.44 -27.04
C ARG A 1022 6.15 25.54 -26.84
N ASN A 1023 5.56 25.62 -25.65
CA ASN A 1023 4.58 26.67 -25.38
C ASN A 1023 5.22 28.05 -25.44
N SER A 1024 6.43 28.19 -24.89
CA SER A 1024 7.14 29.46 -24.97
C SER A 1024 7.44 29.83 -26.42
N ARG A 1025 7.86 28.85 -27.22
CA ARG A 1025 8.10 29.13 -28.64
C ARG A 1025 6.83 29.55 -29.34
N VAL A 1026 5.70 28.90 -29.02
CA VAL A 1026 4.42 29.27 -29.63
C VAL A 1026 4.06 30.71 -29.28
N ARG A 1027 4.20 31.08 -28.01
CA ARG A 1027 3.88 32.44 -27.60
C ARG A 1027 4.79 33.46 -28.28
N ARG A 1028 6.10 33.15 -28.34
CA ARG A 1028 7.03 34.07 -28.99
C ARG A 1028 6.71 34.24 -30.47
N GLN A 1029 6.42 33.14 -31.17
CA GLN A 1029 6.10 33.23 -32.59
C GLN A 1029 4.80 34.01 -32.80
N ALA A 1030 3.80 33.79 -31.94
CA ALA A 1030 2.55 34.54 -32.07
C ALA A 1030 2.78 36.03 -31.86
N GLN A 1031 3.58 36.39 -30.86
CA GLN A 1031 3.88 37.80 -30.63
C GLN A 1031 4.64 38.40 -31.80
N GLN A 1032 5.59 37.66 -32.38
CA GLN A 1032 6.30 38.15 -33.54
C GLN A 1032 5.37 38.37 -34.72
N VAL A 1033 4.43 37.45 -34.94
CA VAL A 1033 3.47 37.61 -36.02
C VAL A 1033 2.59 38.83 -35.80
N ILE A 1034 2.11 39.02 -34.57
CA ILE A 1034 1.23 40.14 -34.28
C ILE A 1034 1.99 41.46 -34.41
N GLN A 1035 3.27 41.50 -34.00
CA GLN A 1035 4.06 42.71 -34.13
C GLN A 1035 4.21 43.14 -35.59
N LYS A 1036 4.14 42.18 -36.52
CA LYS A 1036 4.25 42.49 -37.94
C LYS A 1036 2.95 42.98 -38.54
N GLY A 1037 1.88 43.08 -37.76
CA GLY A 1037 0.60 43.54 -38.24
C GLY A 1037 -0.30 42.40 -38.70
N ILE A 1038 -1.54 42.78 -39.00
CA ILE A 1038 -2.56 41.83 -39.44
C ILE A 1038 -2.93 42.16 -40.88
N THR A 1039 -2.67 41.20 -41.78
CA THR A 1039 -3.04 41.34 -43.18
C THR A 1039 -4.39 40.66 -43.43
N ARG A 1040 -4.88 40.80 -44.65
CA ARG A 1040 -6.14 40.17 -45.02
C ARG A 1040 -6.04 38.65 -44.88
N LEU A 1041 -7.04 38.06 -44.24
CA LEU A 1041 -7.08 36.62 -44.00
C LEU A 1041 -8.19 36.01 -44.87
N ASP A 1042 -7.79 35.35 -45.95
CA ASP A 1042 -8.71 34.61 -46.79
C ASP A 1042 -8.23 33.19 -47.05
N ASP A 1043 -7.15 32.75 -46.41
CA ASP A 1043 -6.65 31.40 -46.62
C ASP A 1043 -7.55 30.39 -45.91
N GLN A 1044 -8.06 29.43 -46.67
CA GLN A 1044 -8.92 28.37 -46.16
C GLN A 1044 -8.05 27.12 -46.03
N ILE A 1045 -7.70 26.76 -44.80
CA ILE A 1045 -6.81 25.62 -44.57
C ILE A 1045 -7.47 24.33 -45.04
N PHE A 1046 -8.73 24.12 -44.65
CA PHE A 1046 -9.43 22.91 -45.05
C PHE A 1046 -10.94 23.13 -44.95
N LEU A 1047 -11.67 22.36 -45.74
CA LEU A 1047 -13.14 22.39 -45.74
C LEU A 1047 -13.63 20.95 -45.66
N ASN A 1048 -14.33 20.62 -44.58
CA ASN A 1048 -14.78 19.27 -44.30
C ASN A 1048 -16.29 19.27 -44.09
N ARG A 1049 -16.83 18.10 -43.75
CA ARG A 1049 -18.23 17.95 -43.39
C ARG A 1049 -18.34 17.19 -42.08
N ASN A 1050 -19.18 17.70 -41.18
CA ASN A 1050 -19.42 17.10 -39.88
C ASN A 1050 -20.74 16.34 -39.88
N PRO A 1051 -20.90 15.36 -38.97
CA PRO A 1051 -22.20 14.69 -38.87
C PRO A 1051 -23.27 15.55 -38.24
N GLY A 1052 -22.91 16.45 -37.31
CA GLY A 1052 -23.86 17.30 -36.63
C GLY A 1052 -23.52 18.78 -36.80
N VAL A 1053 -24.40 19.61 -36.27
CA VAL A 1053 -24.22 21.05 -36.36
C VAL A 1053 -23.07 21.47 -35.44
N PRO A 1054 -22.05 22.15 -35.94
CA PRO A 1054 -21.01 22.69 -35.04
C PRO A 1054 -21.57 23.78 -34.15
N SER A 1055 -21.64 23.52 -32.84
CA SER A 1055 -22.24 24.47 -31.90
C SER A 1055 -21.19 25.38 -31.28
N VAL A 1056 -20.21 24.81 -30.59
CA VAL A 1056 -19.14 25.57 -29.96
C VAL A 1056 -17.81 24.98 -30.40
N VAL A 1057 -16.93 25.84 -30.91
CA VAL A 1057 -15.60 25.44 -31.37
C VAL A 1057 -14.58 26.03 -30.40
N LYS A 1058 -13.67 25.17 -29.92
CA LYS A 1058 -12.62 25.61 -29.02
C LYS A 1058 -11.27 25.15 -29.57
N PHE A 1059 -10.32 26.08 -29.59
CA PHE A 1059 -8.96 25.79 -30.05
C PHE A 1059 -8.09 25.38 -28.87
N HIS A 1060 -7.32 24.31 -29.06
CA HIS A 1060 -6.29 24.00 -28.09
C HIS A 1060 -5.17 25.01 -28.24
N PRO A 1061 -4.77 25.70 -27.16
CA PRO A 1061 -3.87 26.85 -27.32
C PRO A 1061 -2.55 26.52 -28.02
N PHE A 1062 -1.97 25.35 -27.76
CA PHE A 1062 -0.64 25.04 -28.25
C PHE A 1062 -0.63 23.91 -29.27
N THR A 1063 -1.17 22.74 -28.93
CA THR A 1063 -1.17 21.65 -29.87
C THR A 1063 -2.20 21.90 -30.98
N PRO A 1064 -1.94 21.40 -32.19
CA PRO A 1064 -2.87 21.67 -33.31
C PRO A 1064 -4.13 20.80 -33.24
N CYS A 1065 -5.01 21.14 -32.31
CA CYS A 1065 -6.28 20.43 -32.12
C CYS A 1065 -7.38 21.45 -31.89
N ILE A 1066 -8.51 21.29 -32.58
CA ILE A 1066 -9.69 22.10 -32.37
C ILE A 1066 -10.82 21.17 -31.95
N ALA A 1067 -11.53 21.53 -30.88
CA ALA A 1067 -12.62 20.72 -30.36
C ALA A 1067 -13.94 21.35 -30.79
N VAL A 1068 -14.67 20.64 -31.64
CA VAL A 1068 -15.96 21.10 -32.15
C VAL A 1068 -17.05 20.23 -31.52
N ALA A 1069 -18.01 20.87 -30.87
CA ALA A 1069 -19.08 20.14 -30.19
C ALA A 1069 -20.36 20.23 -30.99
N ASP A 1070 -20.98 19.08 -31.21
CA ASP A 1070 -22.26 18.97 -31.90
C ASP A 1070 -23.37 18.75 -30.87
N LYS A 1071 -24.58 18.51 -31.37
CA LYS A 1071 -25.71 18.25 -30.47
C LYS A 1071 -25.50 16.95 -29.69
N ASP A 1072 -25.08 15.89 -30.37
CA ASP A 1072 -24.91 14.58 -29.75
C ASP A 1072 -23.47 14.06 -29.83
N SER A 1073 -22.49 14.92 -30.07
CA SER A 1073 -21.12 14.45 -30.23
C SER A 1073 -20.17 15.62 -30.04
N ILE A 1074 -18.88 15.30 -29.93
CA ILE A 1074 -17.80 16.28 -29.80
C ILE A 1074 -16.65 15.80 -30.68
N CYS A 1075 -16.43 16.47 -31.80
CA CYS A 1075 -15.36 16.10 -32.72
C CYS A 1075 -14.10 16.89 -32.43
N PHE A 1076 -12.95 16.28 -32.72
CA PHE A 1076 -11.65 16.90 -32.52
C PHE A 1076 -10.90 16.85 -33.85
N TRP A 1077 -10.87 17.97 -34.57
CA TRP A 1077 -10.21 18.04 -35.86
C TRP A 1077 -8.85 18.71 -35.73
N ASP A 1078 -8.02 18.51 -36.75
CA ASP A 1078 -6.70 19.13 -36.84
C ASP A 1078 -6.62 19.95 -38.12
N TRP A 1079 -5.92 21.07 -38.05
CA TRP A 1079 -5.71 21.95 -39.19
C TRP A 1079 -4.34 21.80 -39.81
N GLU A 1080 -3.59 20.76 -39.42
CA GLU A 1080 -2.32 20.40 -40.05
C GLU A 1080 -2.42 19.09 -40.80
N LYS A 1081 -2.83 18.02 -40.12
CA LYS A 1081 -3.01 16.73 -40.79
C LYS A 1081 -4.33 16.68 -41.55
N GLY A 1082 -5.34 17.41 -41.07
CA GLY A 1082 -6.63 17.44 -41.70
C GLY A 1082 -7.38 16.12 -41.64
N GLU A 1083 -7.36 15.48 -40.48
CA GLU A 1083 -8.04 14.21 -40.28
C GLU A 1083 -8.86 14.26 -38.99
N LYS A 1084 -10.01 13.58 -39.03
CA LYS A 1084 -10.86 13.45 -37.86
C LYS A 1084 -10.18 12.54 -36.85
N LEU A 1085 -9.87 13.08 -35.67
CA LEU A 1085 -9.16 12.31 -34.64
C LEU A 1085 -10.12 11.47 -33.80
N ASP A 1086 -11.09 12.12 -33.16
CA ASP A 1086 -12.00 11.43 -32.26
C ASP A 1086 -13.42 11.90 -32.50
N TYR A 1087 -14.37 11.08 -32.02
CA TYR A 1087 -15.80 11.35 -32.17
C TYR A 1087 -16.48 10.81 -30.92
N PHE A 1088 -16.74 11.69 -29.97
CA PHE A 1088 -17.28 11.30 -28.68
C PHE A 1088 -18.80 11.28 -28.69
N HIS A 1089 -19.37 10.75 -27.61
CA HIS A 1089 -20.76 10.97 -27.24
C HIS A 1089 -20.72 11.59 -25.84
N ASN A 1090 -21.11 12.86 -25.73
CA ASN A 1090 -20.99 13.56 -24.46
C ASN A 1090 -21.84 12.90 -23.38
N GLY A 1091 -22.95 12.27 -23.76
CA GLY A 1091 -23.82 11.60 -22.82
C GLY A 1091 -25.04 12.39 -22.40
N ASN A 1092 -25.13 13.66 -22.76
CA ASN A 1092 -26.29 14.46 -22.40
C ASN A 1092 -27.51 14.03 -23.22
N PRO A 1093 -28.72 14.14 -22.64
CA PRO A 1093 -29.93 13.70 -23.35
C PRO A 1093 -30.28 14.55 -24.56
N ARG A 1094 -31.37 14.18 -25.25
CA ARG A 1094 -31.73 14.84 -26.50
C ARG A 1094 -32.07 16.31 -26.31
N TYR A 1095 -32.83 16.64 -25.25
CA TYR A 1095 -33.25 18.02 -25.06
C TYR A 1095 -32.06 18.93 -24.76
N THR A 1096 -31.04 18.39 -24.09
CA THR A 1096 -29.89 19.18 -23.69
C THR A 1096 -28.99 19.47 -24.89
N ARG A 1097 -27.98 20.31 -24.65
CA ARG A 1097 -27.05 20.72 -25.69
C ARG A 1097 -25.78 21.22 -25.04
N VAL A 1098 -24.63 20.88 -25.64
CA VAL A 1098 -23.34 21.39 -25.17
C VAL A 1098 -23.27 22.87 -25.51
N THR A 1099 -23.32 23.72 -24.49
CA THR A 1099 -23.31 25.17 -24.69
C THR A 1099 -21.91 25.76 -24.55
N ALA A 1100 -21.24 25.47 -23.44
CA ALA A 1100 -19.92 26.00 -23.16
C ALA A 1100 -18.88 24.88 -23.19
N MET A 1101 -17.64 25.28 -23.41
CA MET A 1101 -16.52 24.33 -23.46
C MET A 1101 -15.25 25.07 -23.10
N GLU A 1102 -14.32 24.34 -22.48
CA GLU A 1102 -13.05 24.92 -22.07
C GLU A 1102 -11.98 23.84 -22.07
N TYR A 1103 -10.72 24.29 -22.10
CA TYR A 1103 -9.56 23.43 -22.10
C TYR A 1103 -8.81 23.63 -20.78
N LEU A 1104 -9.05 22.74 -19.82
CA LEU A 1104 -8.36 22.82 -18.54
C LEU A 1104 -6.91 22.37 -18.70
N ASN A 1105 -6.02 23.00 -17.95
CA ASN A 1105 -4.60 22.66 -17.94
C ASN A 1105 -4.01 22.73 -19.35
N GLY A 1106 -4.24 23.85 -20.03
CA GLY A 1106 -3.84 23.97 -21.42
C GLY A 1106 -2.34 23.86 -21.63
N GLN A 1107 -1.54 24.27 -20.63
CA GLN A 1107 -0.10 24.26 -20.79
C GLN A 1107 0.44 22.84 -20.99
N ASP A 1108 -0.04 21.89 -20.22
CA ASP A 1108 0.38 20.50 -20.35
C ASP A 1108 -0.65 19.60 -19.70
N CYS A 1109 -0.79 18.38 -20.24
CA CYS A 1109 -1.77 17.41 -19.77
C CYS A 1109 -3.17 18.01 -19.75
N SER A 1110 -3.60 18.48 -20.91
CA SER A 1110 -4.85 19.24 -21.00
C SER A 1110 -6.06 18.35 -20.80
N LEU A 1111 -7.10 18.94 -20.23
CA LEU A 1111 -8.42 18.34 -20.11
C LEU A 1111 -9.40 19.11 -20.97
N LEU A 1112 -10.59 18.55 -21.14
CA LEU A 1112 -11.66 19.22 -21.88
C LEU A 1112 -12.90 19.28 -21.00
N LEU A 1113 -13.28 20.49 -20.60
CA LEU A 1113 -14.50 20.69 -19.82
C LEU A 1113 -15.65 20.97 -20.78
N THR A 1114 -16.76 20.26 -20.58
CA THR A 1114 -17.94 20.39 -21.43
C THR A 1114 -19.16 20.55 -20.53
N ALA A 1115 -19.78 21.73 -20.57
CA ALA A 1115 -20.94 22.03 -19.77
C ALA A 1115 -22.17 22.07 -20.66
N THR A 1116 -23.15 21.22 -20.35
CA THR A 1116 -24.39 21.21 -21.09
C THR A 1116 -25.34 22.27 -20.55
N ASP A 1117 -26.37 22.59 -21.35
CA ASP A 1117 -27.27 23.68 -21.01
C ASP A 1117 -28.16 23.38 -19.81
N ASP A 1118 -28.22 22.13 -19.34
CA ASP A 1118 -29.00 21.81 -18.17
C ASP A 1118 -28.22 21.94 -16.87
N GLY A 1119 -26.89 21.98 -16.95
CA GLY A 1119 -26.07 22.18 -15.76
C GLY A 1119 -24.94 21.19 -15.64
N ALA A 1120 -25.01 20.09 -16.37
CA ALA A 1120 -24.04 19.01 -16.26
C ALA A 1120 -22.69 19.45 -16.80
N ILE A 1121 -21.70 19.54 -15.92
CA ILE A 1121 -20.32 19.85 -16.30
C ILE A 1121 -19.51 18.57 -16.19
N ARG A 1122 -18.78 18.23 -17.25
CA ARG A 1122 -18.02 16.99 -17.29
C ARG A 1122 -16.67 17.24 -17.93
N VAL A 1123 -15.66 16.53 -17.45
CA VAL A 1123 -14.27 16.73 -17.84
C VAL A 1123 -13.80 15.47 -18.56
N TRP A 1124 -13.13 15.66 -19.69
CA TRP A 1124 -12.65 14.57 -20.52
C TRP A 1124 -11.12 14.54 -20.53
N LYS A 1125 -10.56 13.33 -20.59
CA LYS A 1125 -9.12 13.11 -20.66
C LYS A 1125 -8.83 12.13 -21.78
N ASN A 1126 -7.64 12.27 -22.38
CA ASN A 1126 -7.21 11.43 -23.50
C ASN A 1126 -8.18 11.56 -24.67
N PHE A 1127 -8.45 12.80 -25.06
CA PHE A 1127 -9.43 13.08 -26.10
C PHE A 1127 -8.83 13.13 -27.50
N ALA A 1128 -7.50 13.20 -27.61
CA ALA A 1128 -6.84 13.23 -28.91
C ALA A 1128 -5.59 12.37 -28.90
N ASP A 1129 -5.68 11.18 -28.31
CA ASP A 1129 -4.54 10.29 -28.15
C ASP A 1129 -4.70 9.05 -29.02
N LEU A 1130 -3.56 8.47 -29.41
CA LEU A 1130 -3.57 7.34 -30.32
C LEU A 1130 -3.81 6.02 -29.58
N GLU A 1131 -3.10 5.82 -28.47
CA GLU A 1131 -3.16 4.55 -27.73
C GLU A 1131 -4.10 4.62 -26.53
N LYS A 1132 -4.86 5.71 -26.39
CA LYS A 1132 -5.77 5.86 -25.27
C LYS A 1132 -7.16 6.20 -25.78
N ASN A 1133 -8.16 5.73 -25.06
CA ASN A 1133 -9.56 5.94 -25.35
C ASN A 1133 -10.07 7.17 -24.60
N PRO A 1134 -11.24 7.69 -24.98
CA PRO A 1134 -11.83 8.79 -24.22
C PRO A 1134 -12.04 8.39 -22.76
N GLU A 1135 -11.73 9.32 -21.86
CA GLU A 1135 -11.80 9.06 -20.43
C GLU A 1135 -12.49 10.22 -19.75
N MET A 1136 -13.31 9.92 -18.76
CA MET A 1136 -14.07 10.93 -18.01
C MET A 1136 -13.42 11.06 -16.64
N VAL A 1137 -12.86 12.24 -16.36
CA VAL A 1137 -12.15 12.45 -15.11
C VAL A 1137 -13.14 12.70 -13.98
N THR A 1138 -13.91 13.76 -14.08
CA THR A 1138 -14.87 14.11 -13.04
C THR A 1138 -16.04 14.84 -13.66
N ALA A 1139 -17.15 14.86 -12.94
CA ALA A 1139 -18.36 15.54 -13.40
C ALA A 1139 -19.19 15.90 -12.19
N TRP A 1140 -20.01 16.95 -12.36
CA TRP A 1140 -20.85 17.43 -11.26
C TRP A 1140 -21.89 18.38 -11.83
N GLN A 1141 -23.13 18.21 -11.37
CA GLN A 1141 -24.22 19.06 -11.83
C GLN A 1141 -24.05 20.48 -11.29
N GLY A 1142 -23.75 21.42 -12.20
CA GLY A 1142 -23.65 22.81 -11.81
C GLY A 1142 -24.99 23.52 -11.88
N LEU A 1143 -25.09 24.62 -11.12
CA LEU A 1143 -26.30 25.45 -11.06
C LEU A 1143 -27.44 24.55 -10.58
N SER A 1144 -28.61 24.58 -11.22
CA SER A 1144 -29.77 23.77 -10.83
C SER A 1144 -30.20 24.07 -9.40
N ALA A 1153 -29.89 30.99 -23.73
CA ALA A 1153 -28.49 31.23 -23.37
C ALA A 1153 -27.77 29.90 -23.12
N GLY A 1154 -28.45 28.99 -22.45
CA GLY A 1154 -27.89 27.68 -22.14
C GLY A 1154 -27.07 27.71 -20.84
N MET A 1155 -25.78 27.45 -20.96
CA MET A 1155 -24.87 27.50 -19.82
C MET A 1155 -23.56 28.12 -20.26
N VAL A 1156 -23.04 29.05 -19.47
CA VAL A 1156 -21.83 29.79 -19.79
C VAL A 1156 -20.77 29.47 -18.74
N VAL A 1157 -19.55 29.22 -19.20
CA VAL A 1157 -18.46 28.77 -18.35
C VAL A 1157 -17.23 29.62 -18.64
N ASP A 1158 -16.51 29.99 -17.58
CA ASP A 1158 -15.27 30.76 -17.71
C ASP A 1158 -14.23 30.15 -16.78
N TRP A 1159 -13.29 29.40 -17.35
CA TRP A 1159 -12.21 28.80 -16.58
C TRP A 1159 -11.13 29.83 -16.28
N GLU A 1160 -10.55 29.73 -15.08
CA GLU A 1160 -9.44 30.59 -14.65
C GLU A 1160 -8.31 29.69 -14.16
N GLN A 1161 -7.29 29.52 -14.99
CA GLN A 1161 -6.23 28.57 -14.69
C GLN A 1161 -5.35 29.04 -13.54
N GLU A 1162 -5.02 30.32 -13.49
CA GLU A 1162 -4.05 30.81 -12.51
C GLU A 1162 -4.58 30.65 -11.08
N THR A 1163 -5.86 30.94 -10.85
CA THR A 1163 -6.43 30.83 -9.52
C THR A 1163 -7.13 29.49 -9.28
N GLY A 1164 -7.37 28.72 -10.34
CA GLY A 1164 -8.00 27.42 -10.20
C GLY A 1164 -9.50 27.45 -10.04
N LEU A 1165 -10.13 28.61 -10.15
CA LEU A 1165 -11.56 28.74 -9.98
C LEU A 1165 -12.29 28.50 -11.30
N LEU A 1166 -13.59 28.24 -11.20
CA LEU A 1166 -14.43 28.00 -12.37
C LEU A 1166 -15.81 28.58 -12.11
N MET A 1167 -16.25 29.50 -12.96
CA MET A 1167 -17.53 30.17 -12.81
C MET A 1167 -18.49 29.71 -13.88
N SER A 1168 -19.68 29.26 -13.46
CA SER A 1168 -20.72 28.83 -14.36
C SER A 1168 -21.95 29.73 -14.22
N SER A 1169 -22.63 29.96 -15.34
CA SER A 1169 -23.81 30.79 -15.37
C SER A 1169 -24.72 30.33 -16.50
N GLY A 1170 -25.98 30.73 -16.42
CA GLY A 1170 -26.96 30.35 -17.40
C GLY A 1170 -28.32 31.01 -17.19
N ASP A 1171 -29.39 30.23 -17.31
CA ASP A 1171 -30.73 30.78 -17.16
C ASP A 1171 -31.01 31.25 -15.74
N VAL A 1172 -30.29 30.73 -14.75
CA VAL A 1172 -30.55 31.12 -13.36
C VAL A 1172 -30.05 32.53 -13.11
N ARG A 1173 -30.55 33.13 -12.02
CA ARG A 1173 -30.13 34.45 -11.57
C ARG A 1173 -28.95 34.40 -10.61
N ILE A 1174 -28.13 33.35 -10.67
CA ILE A 1174 -27.00 33.16 -9.77
C ILE A 1174 -25.78 32.83 -10.61
N VAL A 1175 -24.64 33.40 -10.24
CA VAL A 1175 -23.35 33.07 -10.83
C VAL A 1175 -22.58 32.26 -9.79
N ARG A 1176 -22.36 30.99 -10.08
CA ARG A 1176 -21.68 30.10 -9.17
C ARG A 1176 -20.18 30.09 -9.45
N ILE A 1177 -19.38 29.94 -8.40
CA ILE A 1177 -17.93 29.98 -8.50
C ILE A 1177 -17.41 28.66 -7.95
N TRP A 1178 -17.19 27.69 -8.84
CA TRP A 1178 -16.69 26.38 -8.44
C TRP A 1178 -15.17 26.41 -8.31
N ASP A 1179 -14.67 25.86 -7.21
CA ASP A 1179 -13.24 25.73 -6.98
C ASP A 1179 -12.85 24.28 -7.18
N THR A 1180 -12.06 24.02 -8.23
CA THR A 1180 -11.69 22.64 -8.56
C THR A 1180 -10.71 22.05 -7.57
N ASP A 1181 -10.00 22.88 -6.80
CA ASP A 1181 -9.10 22.35 -5.78
C ASP A 1181 -9.89 21.73 -4.63
N ARG A 1182 -10.89 22.44 -4.13
CA ARG A 1182 -11.75 21.95 -3.06
C ARG A 1182 -12.97 21.21 -3.58
N GLU A 1183 -13.28 21.32 -4.87
CA GLU A 1183 -14.42 20.66 -5.50
C GLU A 1183 -15.73 20.99 -4.78
N MET A 1184 -15.85 22.24 -4.34
CA MET A 1184 -17.06 22.75 -3.73
C MET A 1184 -17.30 24.17 -4.23
N LYS A 1185 -18.56 24.58 -4.23
CA LYS A 1185 -18.91 25.94 -4.62
C LYS A 1185 -18.47 26.91 -3.54
N VAL A 1186 -17.67 27.89 -3.91
CA VAL A 1186 -17.15 28.87 -2.95
C VAL A 1186 -18.13 30.02 -2.76
N GLN A 1187 -18.57 30.65 -3.85
CA GLN A 1187 -19.44 31.80 -3.78
C GLN A 1187 -20.58 31.65 -4.78
N ASP A 1188 -21.72 32.24 -4.44
CA ASP A 1188 -22.89 32.32 -5.31
C ASP A 1188 -23.32 33.79 -5.32
N ILE A 1189 -22.71 34.58 -6.19
CA ILE A 1189 -23.02 36.01 -6.27
C ILE A 1189 -24.35 36.18 -6.99
N PRO A 1190 -25.25 37.04 -6.50
CA PRO A 1190 -26.55 37.20 -7.17
C PRO A 1190 -26.41 38.01 -8.46
N THR A 1191 -27.02 37.50 -9.52
CA THR A 1191 -27.07 38.25 -10.78
C THR A 1191 -27.89 39.52 -10.62
N GLY A 1192 -29.02 39.44 -9.92
CA GLY A 1192 -29.88 40.59 -9.71
C GLY A 1192 -30.55 41.10 -10.97
N ALA A 1193 -30.97 40.21 -11.85
CA ALA A 1193 -31.68 40.60 -13.06
C ALA A 1193 -32.50 39.42 -13.57
N ASP A 1194 -33.61 39.74 -14.23
CA ASP A 1194 -34.52 38.68 -14.68
C ASP A 1194 -33.98 37.93 -15.89
N SER A 1195 -33.19 38.58 -16.72
CA SER A 1195 -32.73 37.95 -17.95
C SER A 1195 -31.57 37.00 -17.68
N CYS A 1196 -31.41 36.03 -18.58
CA CYS A 1196 -30.36 35.03 -18.45
C CYS A 1196 -28.99 35.62 -18.76
N VAL A 1197 -27.95 35.00 -18.19
CA VAL A 1197 -26.57 35.39 -18.45
C VAL A 1197 -26.15 34.74 -19.77
N THR A 1198 -26.09 35.55 -20.83
CA THR A 1198 -25.76 35.01 -22.15
C THR A 1198 -24.28 34.72 -22.31
N SER A 1199 -23.41 35.54 -21.71
CA SER A 1199 -21.98 35.36 -21.83
C SER A 1199 -21.32 35.69 -20.49
N LEU A 1200 -20.11 35.18 -20.30
CA LEU A 1200 -19.39 35.37 -19.06
C LEU A 1200 -17.89 35.35 -19.34
N SER A 1201 -17.19 36.36 -18.82
CA SER A 1201 -15.75 36.44 -18.99
C SER A 1201 -15.18 37.18 -17.80
N CYS A 1202 -13.86 37.04 -17.61
CA CYS A 1202 -13.21 37.61 -16.44
C CYS A 1202 -11.82 38.10 -16.82
N ASP A 1203 -11.25 38.94 -15.96
CA ASP A 1203 -9.92 39.49 -16.14
C ASP A 1203 -8.94 38.78 -15.21
N SER A 1204 -7.78 38.41 -15.76
CA SER A 1204 -6.77 37.73 -14.97
C SER A 1204 -6.17 38.66 -13.92
N HIS A 1205 -5.80 38.09 -12.78
CA HIS A 1205 -5.16 38.77 -11.66
C HIS A 1205 -6.07 39.79 -10.98
N ARG A 1206 -7.33 39.87 -11.38
CA ARG A 1206 -8.30 40.77 -10.77
C ARG A 1206 -9.65 40.07 -10.68
N SER A 1207 -10.51 40.58 -9.81
CA SER A 1207 -11.87 40.07 -9.66
C SER A 1207 -12.80 40.99 -10.44
N LEU A 1208 -12.94 40.70 -11.73
CA LEU A 1208 -13.71 41.53 -12.65
C LEU A 1208 -14.63 40.65 -13.50
N ILE A 1209 -15.38 39.77 -12.84
CA ILE A 1209 -16.31 38.88 -13.50
C ILE A 1209 -17.38 39.70 -14.22
N VAL A 1210 -17.38 39.64 -15.55
CA VAL A 1210 -18.38 40.34 -16.36
C VAL A 1210 -19.37 39.31 -16.88
N ALA A 1211 -20.53 39.80 -17.33
CA ALA A 1211 -21.59 38.90 -17.77
C ALA A 1211 -22.52 39.63 -18.72
N GLY A 1212 -22.59 39.16 -19.97
CA GLY A 1212 -23.64 39.62 -20.85
C GLY A 1212 -24.99 39.00 -20.50
N LEU A 1213 -26.05 39.72 -20.82
CA LEU A 1213 -27.39 39.31 -20.45
C LEU A 1213 -28.32 39.38 -21.65
N GLY A 1214 -29.40 38.61 -21.58
CA GLY A 1214 -30.36 38.57 -22.67
C GLY A 1214 -31.10 39.87 -22.86
N ASP A 1215 -31.38 40.58 -21.77
CA ASP A 1215 -32.10 41.85 -21.89
C ASP A 1215 -31.23 42.93 -22.53
N GLY A 1216 -29.92 42.89 -22.30
CA GLY A 1216 -29.03 43.85 -22.92
C GLY A 1216 -27.95 44.37 -21.99
N SER A 1217 -28.20 44.33 -20.68
CA SER A 1217 -27.26 44.88 -19.72
C SER A 1217 -25.99 44.03 -19.66
N ILE A 1218 -24.89 44.67 -19.28
CA ILE A 1218 -23.59 44.02 -19.16
C ILE A 1218 -23.09 44.30 -17.75
N ARG A 1219 -23.30 43.36 -16.85
CA ARG A 1219 -22.97 43.57 -15.45
C ARG A 1219 -21.56 43.04 -15.13
N VAL A 1220 -20.89 43.72 -14.21
CA VAL A 1220 -19.52 43.38 -13.82
C VAL A 1220 -19.52 43.11 -12.31
N TYR A 1221 -18.79 42.09 -11.89
CA TYR A 1221 -18.80 41.64 -10.51
C TYR A 1221 -17.40 41.59 -9.93
N ASP A 1222 -17.26 42.08 -8.70
CA ASP A 1222 -16.01 42.02 -7.95
C ASP A 1222 -16.23 41.14 -6.72
N ARG A 1223 -15.58 39.98 -6.69
CA ARG A 1223 -15.81 39.03 -5.60
C ARG A 1223 -14.98 39.33 -4.37
N ARG A 1224 -14.09 40.33 -4.43
CA ARG A 1224 -13.34 40.71 -3.24
C ARG A 1224 -14.25 41.26 -2.15
N MET A 1225 -15.26 42.05 -2.53
CA MET A 1225 -16.16 42.68 -1.58
C MET A 1225 -17.24 41.69 -1.17
N ALA A 1226 -18.21 42.18 -0.38
CA ALA A 1226 -19.30 41.32 0.07
C ALA A 1226 -20.26 41.02 -1.07
N LEU A 1227 -21.08 39.99 -0.86
CA LEU A 1227 -22.01 39.55 -1.91
C LEU A 1227 -22.99 40.66 -2.28
N SER A 1228 -23.53 41.36 -1.28
CA SER A 1228 -24.45 42.45 -1.56
C SER A 1228 -23.75 43.63 -2.25
N GLU A 1229 -22.44 43.76 -2.06
CA GLU A 1229 -21.65 44.80 -2.70
C GLU A 1229 -20.82 44.28 -3.87
N CYS A 1230 -21.05 43.04 -4.30
CA CYS A 1230 -20.31 42.50 -5.44
C CYS A 1230 -20.59 43.28 -6.71
N ARG A 1231 -21.84 43.65 -6.94
CA ARG A 1231 -22.20 44.42 -8.12
C ARG A 1231 -21.46 45.74 -8.13
N VAL A 1232 -20.81 46.05 -9.26
CA VAL A 1232 -20.00 47.25 -9.40
C VAL A 1232 -20.67 48.25 -10.33
N MET A 1233 -20.95 47.86 -11.57
CA MET A 1233 -21.59 48.74 -12.54
C MET A 1233 -22.64 47.97 -13.32
N THR A 1234 -23.66 48.70 -13.78
CA THR A 1234 -24.75 48.13 -14.57
C THR A 1234 -25.15 49.18 -15.61
N TYR A 1235 -24.70 48.98 -16.85
CA TYR A 1235 -25.01 49.88 -17.94
C TYR A 1235 -25.86 49.14 -18.96
N ARG A 1236 -26.99 49.74 -19.36
CA ARG A 1236 -27.94 49.12 -20.26
C ARG A 1236 -28.06 49.98 -21.51
N GLU A 1237 -27.37 49.59 -22.57
CA GLU A 1237 -27.44 50.29 -23.85
C GLU A 1237 -27.78 49.34 -24.99
N HIS A 1238 -28.37 48.18 -24.67
CA HIS A 1238 -28.75 47.20 -25.66
C HIS A 1238 -30.12 46.63 -25.30
N THR A 1239 -30.86 46.21 -26.32
CA THR A 1239 -32.08 45.42 -26.13
C THR A 1239 -32.01 44.27 -27.13
N ALA A 1240 -31.33 43.20 -26.72
CA ALA A 1240 -31.13 41.99 -27.50
C ALA A 1240 -30.25 41.06 -26.68
N TRP A 1241 -30.21 39.80 -27.09
CA TRP A 1241 -29.31 38.84 -26.47
C TRP A 1241 -27.86 39.21 -26.78
N VAL A 1242 -27.08 39.47 -25.75
CA VAL A 1242 -25.67 39.79 -25.94
C VAL A 1242 -24.96 38.51 -26.39
N VAL A 1243 -24.47 38.51 -27.62
CA VAL A 1243 -23.88 37.30 -28.19
C VAL A 1243 -22.62 36.91 -27.44
N LYS A 1244 -21.74 37.88 -27.18
CA LYS A 1244 -20.51 37.60 -26.46
C LYS A 1244 -20.02 38.90 -25.83
N ALA A 1245 -20.15 39.00 -24.51
CA ALA A 1245 -19.61 40.15 -23.77
C ALA A 1245 -18.23 39.79 -23.24
N SER A 1246 -17.33 39.50 -24.17
CA SER A 1246 -15.98 39.08 -23.83
C SER A 1246 -15.17 40.26 -23.31
N LEU A 1247 -14.06 39.93 -22.66
CA LEU A 1247 -13.20 40.91 -22.02
C LEU A 1247 -11.77 40.74 -22.51
N GLN A 1248 -11.00 41.83 -22.46
CA GLN A 1248 -9.60 41.82 -22.88
C GLN A 1248 -8.69 41.61 -21.68
N LYS A 1249 -7.74 40.69 -21.83
CA LYS A 1249 -6.84 40.32 -20.74
C LYS A 1249 -5.87 41.43 -20.37
N ARG A 1250 -5.77 42.48 -21.19
CA ARG A 1250 -4.88 43.59 -20.88
C ARG A 1250 -5.35 44.31 -19.62
N PRO A 1251 -4.45 45.02 -18.94
CA PRO A 1251 -4.87 45.78 -17.75
C PRO A 1251 -5.97 46.78 -18.02
N ASP A 1252 -5.97 47.40 -19.20
CA ASP A 1252 -7.06 48.28 -19.61
C ASP A 1252 -8.15 47.45 -20.31
N GLY A 1253 -8.85 46.67 -19.49
CA GLY A 1253 -9.88 45.79 -19.99
C GLY A 1253 -10.99 46.53 -20.72
N HIS A 1254 -11.31 46.07 -21.93
CA HIS A 1254 -12.34 46.70 -22.75
C HIS A 1254 -13.39 45.64 -23.09
N ILE A 1255 -14.52 45.70 -22.38
CA ILE A 1255 -15.60 44.75 -22.59
C ILE A 1255 -16.23 45.04 -23.94
N VAL A 1256 -15.96 44.18 -24.92
CA VAL A 1256 -16.52 44.33 -26.26
C VAL A 1256 -17.81 43.51 -26.28
N SER A 1257 -18.92 44.18 -26.04
CA SER A 1257 -20.23 43.54 -25.94
C SER A 1257 -21.03 43.82 -27.20
N VAL A 1258 -21.49 42.76 -27.86
CA VAL A 1258 -22.26 42.87 -29.08
C VAL A 1258 -23.55 42.06 -28.92
N SER A 1259 -24.68 42.67 -29.26
CA SER A 1259 -25.98 42.03 -29.13
C SER A 1259 -26.44 41.47 -30.47
N VAL A 1260 -27.65 40.90 -30.48
CA VAL A 1260 -28.25 40.42 -31.72
C VAL A 1260 -28.47 41.57 -32.68
N ASN A 1261 -28.72 42.77 -32.15
CA ASN A 1261 -28.83 43.96 -33.00
C ASN A 1261 -27.54 44.24 -33.75
N GLY A 1262 -26.41 43.71 -33.27
CA GLY A 1262 -25.15 43.84 -33.96
C GLY A 1262 -24.39 45.11 -33.66
N ASP A 1263 -24.84 45.91 -32.70
CA ASP A 1263 -24.20 47.17 -32.37
C ASP A 1263 -23.14 46.94 -31.30
N VAL A 1264 -21.88 47.18 -31.65
CA VAL A 1264 -20.77 46.97 -30.72
C VAL A 1264 -20.65 48.17 -29.80
N ARG A 1265 -20.50 47.91 -28.51
CA ARG A 1265 -20.30 48.97 -27.51
C ARG A 1265 -19.18 48.53 -26.57
N ILE A 1266 -18.02 49.18 -26.69
CA ILE A 1266 -16.85 48.83 -25.89
C ILE A 1266 -16.93 49.57 -24.56
N PHE A 1267 -17.08 48.82 -23.47
CA PHE A 1267 -17.24 49.39 -22.14
C PHE A 1267 -15.95 49.24 -21.34
N ASP A 1268 -15.87 49.99 -20.24
CA ASP A 1268 -14.76 49.96 -19.31
C ASP A 1268 -15.28 49.82 -17.89
N PRO A 1269 -14.51 49.17 -17.00
CA PRO A 1269 -14.98 48.98 -15.62
C PRO A 1269 -14.93 50.25 -14.78
N ARG A 1270 -14.38 51.35 -15.30
CA ARG A 1270 -14.23 52.58 -14.54
C ARG A 1270 -15.03 53.74 -15.13
N MET A 1271 -15.88 53.47 -16.12
CA MET A 1271 -16.70 54.50 -16.75
C MET A 1271 -18.09 53.95 -17.01
N PRO A 1272 -19.15 54.58 -16.49
CA PRO A 1272 -20.51 54.05 -16.65
C PRO A 1272 -21.11 54.22 -18.03
N GLU A 1273 -20.34 54.68 -19.03
CA GLU A 1273 -20.87 54.89 -20.37
C GLU A 1273 -19.91 54.29 -21.39
N SER A 1274 -20.45 53.90 -22.54
CA SER A 1274 -19.63 53.31 -23.59
C SER A 1274 -18.63 54.32 -24.12
N VAL A 1275 -17.43 53.82 -24.43
CA VAL A 1275 -16.37 54.66 -24.97
C VAL A 1275 -16.42 54.72 -26.49
N ASN A 1276 -16.69 53.59 -27.15
CA ASN A 1276 -16.80 53.52 -28.59
C ASN A 1276 -18.07 52.78 -28.97
N VAL A 1277 -18.77 53.29 -29.98
CA VAL A 1277 -20.03 52.72 -30.44
C VAL A 1277 -19.91 52.41 -31.92
N LEU A 1278 -20.32 51.20 -32.30
CA LEU A 1278 -20.26 50.76 -33.69
C LEU A 1278 -21.53 50.02 -34.04
N GLN A 1279 -21.87 50.03 -35.33
CA GLN A 1279 -22.98 49.25 -35.87
C GLN A 1279 -22.46 48.49 -37.08
N ILE A 1280 -22.52 47.17 -37.02
CA ILE A 1280 -21.90 46.30 -38.02
C ILE A 1280 -22.94 45.58 -38.89
N VAL A 1281 -23.77 44.75 -38.27
CA VAL A 1281 -24.75 43.94 -38.99
C VAL A 1281 -26.11 44.10 -38.31
N LYS A 1282 -27.15 44.30 -39.11
CA LYS A 1282 -28.51 44.37 -38.57
C LYS A 1282 -28.90 43.06 -37.90
N GLY A 1283 -28.74 41.94 -38.61
CA GLY A 1283 -29.02 40.64 -38.04
C GLY A 1283 -27.77 39.81 -37.76
N LEU A 1284 -27.40 39.70 -36.50
CA LEU A 1284 -26.19 38.99 -36.11
C LEU A 1284 -26.54 37.67 -35.43
N THR A 1285 -25.74 36.64 -35.69
CA THR A 1285 -25.98 35.30 -35.17
C THR A 1285 -24.90 34.83 -34.22
N ALA A 1286 -23.62 34.99 -34.56
CA ALA A 1286 -22.54 34.54 -33.70
C ALA A 1286 -21.31 35.38 -33.98
N LEU A 1287 -20.41 35.42 -32.99
CA LEU A 1287 -19.18 36.18 -33.12
C LEU A 1287 -18.19 35.69 -32.08
N ASP A 1288 -16.94 36.11 -32.24
CA ASP A 1288 -15.87 35.77 -31.32
C ASP A 1288 -14.86 36.91 -31.30
N ILE A 1289 -14.11 36.99 -30.20
CA ILE A 1289 -13.13 38.05 -29.98
C ILE A 1289 -11.79 37.40 -29.64
N HIS A 1290 -10.71 38.09 -29.99
CA HIS A 1290 -9.35 37.64 -29.77
C HIS A 1290 -8.67 38.59 -28.81
N PRO A 1291 -8.15 38.13 -27.67
CA PRO A 1291 -7.54 39.08 -26.72
C PRO A 1291 -6.28 39.74 -27.22
N GLN A 1292 -5.36 38.98 -27.85
CA GLN A 1292 -4.09 39.55 -28.27
C GLN A 1292 -4.27 40.50 -29.45
N ALA A 1293 -5.04 40.09 -30.46
CA ALA A 1293 -5.28 40.88 -31.65
C ALA A 1293 -6.72 41.36 -31.65
N ASP A 1294 -6.92 42.67 -31.79
CA ASP A 1294 -8.26 43.23 -31.72
C ASP A 1294 -9.04 42.91 -32.99
N LEU A 1295 -9.43 41.65 -33.15
CA LEU A 1295 -10.12 41.17 -34.34
C LEU A 1295 -11.48 40.61 -33.93
N ILE A 1296 -12.54 41.38 -34.13
CA ILE A 1296 -13.90 40.96 -33.85
C ILE A 1296 -14.46 40.31 -35.10
N ALA A 1297 -14.59 38.99 -35.11
CA ALA A 1297 -15.12 38.26 -36.25
C ALA A 1297 -16.62 38.08 -36.05
N CYS A 1298 -17.40 38.54 -37.02
CA CYS A 1298 -18.86 38.51 -36.93
C CYS A 1298 -19.44 37.55 -37.97
N GLY A 1299 -20.71 37.19 -37.75
CA GLY A 1299 -21.44 36.35 -38.67
C GLY A 1299 -22.55 37.10 -39.38
N SER A 1300 -23.26 36.37 -40.23
CA SER A 1300 -24.34 36.95 -41.01
C SER A 1300 -25.22 35.84 -41.57
N VAL A 1301 -26.50 36.18 -41.79
CA VAL A 1301 -27.44 35.24 -42.36
C VAL A 1301 -27.14 35.00 -43.84
N ASN A 1302 -26.56 35.99 -44.52
CA ASN A 1302 -26.31 35.94 -45.96
C ASN A 1302 -24.91 35.45 -46.31
N GLN A 1303 -24.33 34.57 -45.48
CA GLN A 1303 -23.02 33.94 -45.68
C GLN A 1303 -21.86 34.91 -45.52
N PHE A 1304 -22.11 36.18 -45.20
CA PHE A 1304 -21.02 37.11 -44.98
C PHE A 1304 -20.34 36.83 -43.64
N THR A 1305 -19.04 37.10 -43.58
CA THR A 1305 -18.24 36.93 -42.38
C THR A 1305 -17.29 38.11 -42.27
N ALA A 1306 -17.69 39.13 -41.51
CA ALA A 1306 -16.90 40.34 -41.36
C ALA A 1306 -15.97 40.19 -40.15
N ILE A 1307 -14.69 40.39 -40.39
CA ILE A 1307 -13.67 40.31 -39.35
C ILE A 1307 -13.11 41.72 -39.20
N TYR A 1308 -13.70 42.50 -38.30
CA TYR A 1308 -13.36 43.90 -38.15
C TYR A 1308 -12.41 44.10 -36.97
N ASN A 1309 -12.11 45.36 -36.69
CA ASN A 1309 -11.21 45.75 -35.63
C ASN A 1309 -11.98 46.51 -34.55
N SER A 1310 -11.30 46.76 -33.43
CA SER A 1310 -11.92 47.51 -32.34
C SER A 1310 -12.28 48.93 -32.78
N SER A 1311 -11.51 49.49 -33.72
CA SER A 1311 -11.83 50.81 -34.25
C SER A 1311 -12.94 50.77 -35.29
N GLY A 1312 -13.38 49.58 -35.70
CA GLY A 1312 -14.43 49.45 -36.69
C GLY A 1312 -13.99 49.56 -38.12
N GLU A 1313 -12.68 49.52 -38.38
CA GLU A 1313 -12.19 49.61 -39.74
C GLU A 1313 -12.45 48.31 -40.49
N LEU A 1314 -12.88 48.44 -41.75
CA LEU A 1314 -13.17 47.28 -42.57
C LEU A 1314 -11.87 46.55 -42.90
N ILE A 1315 -11.82 45.25 -42.59
CA ILE A 1315 -10.62 44.47 -42.86
C ILE A 1315 -10.94 43.39 -43.89
N ASN A 1316 -11.88 42.50 -43.57
CA ASN A 1316 -12.22 41.41 -44.46
C ASN A 1316 -13.72 41.14 -44.42
N ASN A 1317 -14.30 40.92 -45.60
CA ASN A 1317 -15.70 40.51 -45.76
C ASN A 1317 -15.69 39.23 -46.57
N ILE A 1318 -15.58 38.09 -45.89
CA ILE A 1318 -15.43 36.80 -46.55
C ILE A 1318 -16.79 36.33 -47.06
N LYS A 1319 -16.84 35.99 -48.34
CA LYS A 1319 -18.04 35.43 -48.96
C LYS A 1319 -17.90 33.92 -49.04
N TYR A 1320 -18.92 33.20 -48.58
CA TYR A 1320 -18.90 31.74 -48.57
C TYR A 1320 -19.30 31.17 -49.93
N ALA A 1331 -26.27 30.08 -41.77
CA ALA A 1331 -26.07 30.83 -40.54
C ALA A 1331 -24.77 30.42 -39.86
N ILE A 1332 -23.85 31.37 -39.74
CA ILE A 1332 -22.57 31.14 -39.08
C ILE A 1332 -22.77 31.17 -37.57
N SER A 1333 -22.81 29.99 -36.95
CA SER A 1333 -23.18 29.86 -35.55
C SER A 1333 -22.02 29.56 -34.63
N CYS A 1334 -20.78 29.53 -35.13
CA CYS A 1334 -19.65 29.21 -34.27
C CYS A 1334 -18.38 29.82 -34.86
N LEU A 1335 -17.82 30.81 -34.17
CA LEU A 1335 -16.52 31.37 -34.49
C LEU A 1335 -15.61 31.23 -33.28
N ALA A 1336 -14.34 30.96 -33.54
CA ALA A 1336 -13.37 30.80 -32.46
C ALA A 1336 -12.01 31.33 -32.92
N PHE A 1337 -11.33 32.02 -32.03
CA PHE A 1337 -10.00 32.56 -32.29
C PHE A 1337 -8.97 31.80 -31.47
N HIS A 1338 -7.87 31.42 -32.11
CA HIS A 1338 -6.78 30.79 -31.39
C HIS A 1338 -6.24 31.77 -30.37
N PRO A 1339 -6.07 31.38 -29.11
CA PRO A 1339 -5.63 32.33 -28.09
C PRO A 1339 -4.25 32.92 -28.35
N HIS A 1340 -3.44 32.27 -29.17
CA HIS A 1340 -2.11 32.78 -29.51
C HIS A 1340 -2.01 33.13 -30.99
N TRP A 1341 -2.27 32.19 -31.89
CA TRP A 1341 -2.19 32.47 -33.32
C TRP A 1341 -3.37 33.33 -33.76
N PRO A 1342 -3.23 34.06 -34.88
CA PRO A 1342 -4.36 34.75 -35.50
C PRO A 1342 -5.25 33.84 -36.33
N HIS A 1343 -5.61 32.69 -35.76
CA HIS A 1343 -6.43 31.70 -36.46
C HIS A 1343 -7.90 31.89 -36.08
N LEU A 1344 -8.77 31.66 -37.06
CA LEU A 1344 -10.21 31.76 -36.85
C LEU A 1344 -10.88 30.54 -37.45
N ALA A 1345 -11.84 29.97 -36.72
CA ALA A 1345 -12.62 28.83 -37.19
C ALA A 1345 -14.03 29.27 -37.52
N VAL A 1346 -14.47 28.96 -38.73
CA VAL A 1346 -15.80 29.32 -39.21
C VAL A 1346 -16.58 28.05 -39.46
N GLY A 1347 -17.73 27.91 -38.81
CA GLY A 1347 -18.61 26.79 -39.05
C GLY A 1347 -20.01 27.26 -39.40
N SER A 1348 -20.43 26.99 -40.63
CA SER A 1348 -21.70 27.48 -41.13
C SER A 1348 -22.85 26.64 -40.58
N ASN A 1349 -24.07 27.00 -40.97
CA ASN A 1349 -25.22 26.17 -40.62
C ASN A 1349 -25.08 24.77 -41.21
N ASP A 1350 -24.62 24.69 -42.46
CA ASP A 1350 -24.14 23.42 -42.98
C ASP A 1350 -22.92 22.97 -42.19
N TYR A 1351 -22.78 21.66 -42.06
CA TYR A 1351 -21.82 21.13 -41.10
C TYR A 1351 -20.40 21.16 -41.65
N TYR A 1352 -19.96 22.34 -42.09
CA TYR A 1352 -18.62 22.53 -42.62
C TYR A 1352 -17.77 23.31 -41.62
N ILE A 1353 -16.51 22.93 -41.51
CA ILE A 1353 -15.56 23.61 -40.63
C ILE A 1353 -14.39 24.11 -41.46
N SER A 1354 -13.95 25.33 -41.18
CA SER A 1354 -12.75 25.88 -41.80
C SER A 1354 -11.94 26.61 -40.73
N VAL A 1355 -10.63 26.70 -40.96
CA VAL A 1355 -9.73 27.43 -40.08
C VAL A 1355 -8.93 28.40 -40.94
N TYR A 1356 -9.05 29.68 -40.64
CA TYR A 1356 -8.43 30.72 -41.45
C TYR A 1356 -7.17 31.24 -40.78
N SER A 1357 -6.24 31.72 -41.61
CA SER A 1357 -4.98 32.26 -41.12
C SER A 1357 -4.52 33.34 -42.08
N VAL A 1358 -3.60 34.18 -41.59
CA VAL A 1358 -3.07 35.29 -42.38
C VAL A 1358 -1.73 34.84 -42.96
N GLU A 1359 -1.75 34.51 -44.25
CA GLU A 1359 -0.56 34.08 -44.98
C GLU A 1359 0.26 33.04 -44.22
N ARG B 5 8.13 -19.38 20.67
CA ARG B 5 8.91 -18.80 19.59
C ARG B 5 10.25 -19.50 19.44
N VAL B 6 10.76 -19.55 18.20
CA VAL B 6 12.03 -20.20 17.91
C VAL B 6 13.16 -19.52 18.68
N PHE B 7 13.13 -18.19 18.78
CA PHE B 7 14.21 -17.46 19.44
C PHE B 7 13.72 -16.82 20.72
N PHE B 8 14.58 -16.02 21.37
CA PHE B 8 14.30 -15.49 22.71
C PHE B 8 14.49 -13.97 22.72
N MET B 9 13.42 -13.25 22.38
CA MET B 9 13.42 -11.79 22.50
C MET B 9 13.52 -11.39 23.97
N ASP B 10 14.65 -10.81 24.35
CA ASP B 10 14.82 -10.34 25.72
C ASP B 10 14.67 -8.83 25.77
N ASP B 11 14.65 -8.31 27.00
CA ASP B 11 14.59 -6.89 27.31
C ASP B 11 13.28 -6.25 26.87
N VAL B 12 12.25 -7.07 26.64
CA VAL B 12 10.92 -6.57 26.29
C VAL B 12 10.23 -6.23 27.60
N GLU B 13 10.43 -4.99 28.04
CA GLU B 13 9.89 -4.49 29.31
C GLU B 13 10.10 -5.48 30.45
#